data_4F37
#
_entry.id   4F37
#
_cell.length_a   36.642
_cell.length_b   82.836
_cell.length_c   89.196
_cell.angle_alpha   90.05
_cell.angle_beta   92.51
_cell.angle_gamma   90.00
#
_symmetry.space_group_name_H-M   'P 1'
#
loop_
_entity.id
_entity.type
_entity.pdbx_description
1 polymer 'Colicin-E7 immunity protein'
2 polymer 'Im7 immunity protein'
3 polymer 'Fab WO2 anti-amyloid-beta antibody Fab fragment'
4 water water
#
loop_
_entity_poly.entity_id
_entity_poly.type
_entity_poly.pdbx_seq_one_letter_code
_entity_poly.pdbx_strand_id
1 'polypeptide(L)'
;DAEFRHDSGYEVHHQKSELKNSISDYTEAEFVQLLKEIEKENVAATDDVLDVLLEHFVKITEHPDGTDLIYYPSDNRDDS
PEGIVKEIKEWRAANGKPGFKQGAAADYKDDDDKAADYKDDDDK
;
A,B
2 'polypeptide(L)'
;QVTLKESGPGILQPSQTLSLTCSFSGFSLRTSRVGVSWIRQPSGKGLEWLAHIYWDDDKRYNPSLESRLTISKDTSRNQV
FLKITSVDTADTATYYCARRGFYGRKYEVNHFDYWGQGTTLTVSSAKTTAPSVYPLAPVCGDTTGSSVTLGCLVKGYFPE
PVTLTWNSGSLSSGVHTFPAVLQSDLYTLSSSVTVTSSTWPSESITCNVAHPASSTKVDKKIVPRDCG
;
F,H
3 'polypeptide(L)'
;DIVMTQTPLSLPVSLGDQASISCRSSQTILHSNGNTYLEWYLQKPGQSPNLLIYKVSKRFSGVPDRFSGSGSGTDFTLKI
SRVEAEDLGVYYCFQGSRVPLTFGAGTKLELKRADAAPTVSIFPPSSEQLTSGGASVVCFLNNFYPKDINVKWKIDGSER
QNGVLNSWTDQDSKDSTYSMSSTLTLTKDEYERHNSYTCEATHKTSTSPIVKSFNRNEC
;
K,L
#
# COMPACT_ATOMS: atom_id res chain seq x y z
N ASP A 1 -32.13 -2.98 -9.64
CA ASP A 1 -32.29 -4.41 -10.05
C ASP A 1 -31.25 -5.23 -9.30
N ALA A 2 -31.45 -5.38 -7.98
CA ALA A 2 -30.35 -5.79 -7.10
C ALA A 2 -30.63 -6.82 -6.00
N GLU A 3 -29.54 -7.46 -5.55
CA GLU A 3 -29.44 -8.42 -4.43
C GLU A 3 -29.31 -9.89 -4.87
N PHE A 4 -28.06 -10.34 -4.94
CA PHE A 4 -27.73 -11.71 -5.34
C PHE A 4 -27.86 -12.70 -4.17
N ARG A 5 -28.77 -13.67 -4.32
CA ARG A 5 -29.08 -14.60 -3.23
C ARG A 5 -27.78 -15.17 -2.67
N HIS A 6 -27.79 -15.59 -1.40
CA HIS A 6 -26.66 -16.32 -0.79
C HIS A 6 -27.07 -17.12 0.44
N ASP A 7 -26.09 -17.60 1.20
CA ASP A 7 -26.33 -18.61 2.24
C ASP A 7 -25.57 -18.39 3.53
N SER A 8 -25.93 -19.16 4.56
CA SER A 8 -25.37 -18.99 5.91
C SER A 8 -25.45 -20.29 6.69
N GLY A 9 -24.65 -20.41 7.75
CA GLY A 9 -24.62 -21.65 8.54
C GLY A 9 -24.57 -21.51 10.06
N TYR A 10 -24.98 -20.34 10.55
CA TYR A 10 -24.83 -20.02 11.97
C TYR A 10 -25.80 -20.78 12.84
N GLU A 11 -27.03 -20.92 12.33
CA GLU A 11 -28.16 -21.63 12.96
C GLU A 11 -29.41 -20.96 12.36
N VAL A 12 -30.18 -20.29 13.22
CA VAL A 12 -30.99 -19.14 12.82
C VAL A 12 -29.98 -17.97 12.95
N HIS A 13 -30.27 -16.82 12.35
CA HIS A 13 -29.24 -15.77 12.23
C HIS A 13 -29.31 -14.80 13.40
N HIS A 14 -28.17 -14.66 14.10
CA HIS A 14 -28.13 -14.11 15.46
C HIS A 14 -29.15 -14.84 16.35
N GLN A 15 -28.66 -15.61 17.32
CA GLN A 15 -29.48 -16.15 18.44
C GLN A 15 -28.62 -16.75 19.55
N LYS A 16 -29.17 -16.75 20.77
CA LYS A 16 -28.44 -17.25 21.95
C LYS A 16 -29.23 -18.26 22.78
N SER A 17 -28.59 -19.40 23.05
CA SER A 17 -29.10 -20.36 24.02
C SER A 17 -28.84 -19.80 25.43
N GLU A 18 -29.93 -19.61 26.21
CA GLU A 18 -29.84 -18.95 27.52
C GLU A 18 -31.03 -19.13 28.49
N LEU A 19 -32.24 -18.87 27.99
CA LEU A 19 -33.47 -18.69 28.80
C LEU A 19 -33.76 -19.83 29.77
N LYS A 20 -34.60 -19.56 30.78
CA LYS A 20 -34.87 -20.55 31.86
C LYS A 20 -36.33 -20.95 32.09
N ASN A 21 -36.98 -20.34 33.09
CA ASN A 21 -38.29 -20.79 33.59
C ASN A 21 -38.88 -19.98 34.77
N SER A 22 -38.00 -19.49 35.65
CA SER A 22 -38.43 -18.78 36.86
C SER A 22 -37.25 -18.11 37.54
N ILE A 23 -37.45 -16.87 37.98
CA ILE A 23 -36.42 -16.08 38.65
C ILE A 23 -35.65 -16.91 39.64
N SER A 24 -36.38 -17.75 40.36
CA SER A 24 -35.88 -18.61 41.43
C SER A 24 -34.52 -19.23 41.11
N ASP A 25 -34.40 -19.82 39.93
CA ASP A 25 -33.13 -20.40 39.48
C ASP A 25 -32.36 -19.41 38.59
N TYR A 26 -32.44 -18.13 38.92
CA TYR A 26 -31.61 -17.10 38.31
C TYR A 26 -30.95 -16.35 39.45
N THR A 27 -29.62 -16.21 39.38
CA THR A 27 -28.93 -15.26 40.26
C THR A 27 -29.07 -13.87 39.65
N GLU A 28 -29.20 -12.86 40.50
CA GLU A 28 -29.14 -11.45 40.10
C GLU A 28 -28.21 -11.31 38.87
N ALA A 29 -26.99 -11.85 39.00
CA ALA A 29 -25.98 -11.81 37.94
C ALA A 29 -26.46 -12.31 36.58
N GLU A 30 -27.20 -13.43 36.54
CA GLU A 30 -27.77 -13.93 35.29
C GLU A 30 -28.95 -13.09 34.82
N PHE A 31 -29.65 -12.47 35.76
CA PHE A 31 -30.66 -11.48 35.42
C PHE A 31 -30.00 -10.32 34.70
N VAL A 32 -28.88 -9.86 35.25
CA VAL A 32 -28.05 -8.81 34.63
C VAL A 32 -27.56 -9.29 33.27
N GLN A 33 -26.99 -10.49 33.23
CA GLN A 33 -26.66 -11.15 31.96
C GLN A 33 -27.85 -11.19 31.00
N LEU A 34 -29.06 -11.37 31.53
CA LEU A 34 -30.24 -11.45 30.69
C LEU A 34 -30.58 -10.07 30.20
N LEU A 35 -31.08 -9.22 31.10
CA LEU A 35 -31.64 -7.94 30.69
C LEU A 35 -30.70 -7.13 29.81
N LYS A 36 -29.48 -6.87 30.28
CA LYS A 36 -28.56 -6.08 29.47
C LYS A 36 -28.47 -6.67 28.09
N GLU A 37 -28.71 -7.97 27.97
CA GLU A 37 -28.78 -8.63 26.67
C GLU A 37 -29.77 -7.93 25.71
N ILE A 38 -30.68 -7.11 26.24
CA ILE A 38 -31.45 -6.16 25.40
C ILE A 38 -30.63 -4.93 24.97
N GLU A 39 -29.73 -4.43 25.84
CA GLU A 39 -28.82 -3.35 25.46
C GLU A 39 -28.23 -3.64 24.07
N LYS A 40 -27.64 -4.84 23.92
CA LYS A 40 -27.27 -5.37 22.60
C LYS A 40 -28.53 -5.64 21.74
N GLU A 41 -28.65 -6.88 21.24
CA GLU A 41 -29.81 -7.28 20.44
C GLU A 41 -31.11 -6.57 20.85
N ASN A 42 -31.61 -5.74 19.93
CA ASN A 42 -32.83 -4.94 20.03
C ASN A 42 -32.60 -3.80 19.05
N VAL A 43 -31.59 -2.99 19.40
CA VAL A 43 -30.92 -2.07 18.51
C VAL A 43 -30.37 -2.78 17.26
N ALA A 44 -30.40 -4.12 17.26
CA ALA A 44 -29.80 -4.91 16.18
C ALA A 44 -30.53 -4.71 14.84
N ALA A 45 -30.63 -5.76 14.03
CA ALA A 45 -31.29 -5.65 12.74
C ALA A 45 -32.80 -5.89 12.82
N THR A 46 -33.20 -6.89 13.61
CA THR A 46 -34.54 -7.47 13.53
C THR A 46 -35.23 -7.57 14.89
N ASP A 47 -36.56 -7.52 14.88
CA ASP A 47 -37.37 -7.76 16.10
C ASP A 47 -38.22 -9.04 16.01
N ASP A 48 -37.56 -10.13 15.63
CA ASP A 48 -38.11 -11.47 15.77
C ASP A 48 -37.18 -12.26 16.71
N VAL A 49 -36.04 -11.63 17.01
CA VAL A 49 -35.06 -12.15 17.97
C VAL A 49 -35.18 -11.51 19.37
N LEU A 50 -35.67 -10.27 19.41
CA LEU A 50 -35.92 -9.58 20.68
C LEU A 50 -37.11 -10.14 21.48
N ASP A 51 -38.12 -10.60 20.77
CA ASP A 51 -39.38 -11.06 21.37
C ASP A 51 -39.14 -12.31 22.21
N VAL A 52 -37.90 -12.78 22.16
CA VAL A 52 -37.51 -13.99 22.87
C VAL A 52 -37.28 -13.64 24.34
N LEU A 53 -36.42 -12.66 24.61
CA LEU A 53 -36.19 -12.18 25.96
C LEU A 53 -37.44 -11.45 26.44
N LEU A 54 -37.85 -10.46 25.65
CA LEU A 54 -39.07 -9.69 25.90
C LEU A 54 -40.12 -10.48 26.65
N GLU A 55 -40.42 -11.67 26.14
CA GLU A 55 -41.55 -12.45 26.63
C GLU A 55 -41.18 -13.54 27.63
N HIS A 56 -39.88 -13.74 27.87
CA HIS A 56 -39.49 -14.54 29.02
C HIS A 56 -39.52 -13.67 30.26
N PHE A 57 -38.82 -12.54 30.21
CA PHE A 57 -38.94 -11.50 31.22
C PHE A 57 -40.40 -11.35 31.64
N VAL A 58 -41.23 -10.84 30.72
CA VAL A 58 -42.69 -10.67 30.91
C VAL A 58 -43.38 -11.87 31.60
N LYS A 59 -42.91 -13.08 31.30
CA LYS A 59 -43.50 -14.30 31.83
C LYS A 59 -43.05 -14.47 33.28
N ILE A 60 -41.81 -14.92 33.44
CA ILE A 60 -41.26 -15.32 34.72
C ILE A 60 -41.41 -14.29 35.85
N THR A 61 -41.28 -13.00 35.52
CA THR A 61 -41.21 -11.95 36.55
C THR A 61 -42.58 -11.53 37.11
N GLU A 62 -43.58 -11.43 36.22
CA GLU A 62 -44.97 -11.09 36.57
C GLU A 62 -45.08 -9.77 37.30
N HIS A 63 -45.72 -8.78 36.68
CA HIS A 63 -45.99 -7.50 37.34
C HIS A 63 -44.70 -6.68 37.57
N PRO A 64 -44.83 -5.34 37.71
CA PRO A 64 -45.99 -4.49 37.38
C PRO A 64 -46.07 -4.13 35.90
N ASP A 65 -46.96 -4.78 35.16
CA ASP A 65 -47.10 -4.58 33.71
C ASP A 65 -45.76 -4.84 33.01
N GLY A 66 -45.58 -6.08 32.56
CA GLY A 66 -44.28 -6.59 32.10
C GLY A 66 -43.32 -5.61 31.49
N THR A 67 -43.23 -5.64 30.16
CA THR A 67 -42.33 -4.79 29.38
C THR A 67 -42.12 -3.39 29.95
N ASP A 68 -43.18 -2.81 30.50
CA ASP A 68 -43.12 -1.45 31.01
C ASP A 68 -41.94 -1.14 31.94
N LEU A 69 -41.47 -2.15 32.66
CA LEU A 69 -40.28 -2.03 33.50
C LEU A 69 -39.03 -1.93 32.64
N ILE A 70 -38.99 -2.71 31.56
CA ILE A 70 -37.85 -2.72 30.65
C ILE A 70 -37.74 -1.38 29.96
N TYR A 71 -38.90 -0.83 29.58
CA TYR A 71 -38.95 0.23 28.59
C TYR A 71 -39.14 1.64 29.12
N TYR A 72 -40.21 1.87 29.87
CA TYR A 72 -40.53 3.18 30.42
C TYR A 72 -40.17 3.32 31.92
N PRO A 73 -38.88 3.15 32.26
CA PRO A 73 -38.37 2.76 33.60
C PRO A 73 -38.99 3.53 34.76
N SER A 74 -38.31 4.62 35.16
CA SER A 74 -38.83 5.63 36.10
C SER A 74 -37.82 6.76 36.35
N ASP A 75 -38.33 7.99 36.39
CA ASP A 75 -37.51 9.21 36.34
C ASP A 75 -36.37 9.22 37.35
N ASN A 76 -36.73 9.20 38.63
CA ASN A 76 -35.76 9.12 39.74
C ASN A 76 -35.67 7.69 40.28
N ARG A 77 -34.80 6.90 39.65
CA ARG A 77 -34.59 5.48 39.97
C ARG A 77 -33.26 5.04 39.36
N ASP A 78 -33.20 3.79 38.88
CA ASP A 78 -32.10 3.30 38.07
C ASP A 78 -32.60 3.07 36.66
N ASP A 79 -32.03 3.81 35.70
CA ASP A 79 -32.41 3.70 34.29
C ASP A 79 -31.37 2.90 33.54
N SER A 80 -31.67 1.62 33.33
CA SER A 80 -30.73 0.67 32.73
C SER A 80 -29.62 0.29 33.71
N PRO A 81 -29.59 -0.99 34.16
CA PRO A 81 -30.63 -2.00 34.17
C PRO A 81 -30.79 -2.64 35.55
N GLU A 82 -30.11 -2.09 36.55
CA GLU A 82 -30.06 -2.69 37.89
C GLU A 82 -31.19 -2.19 38.81
N GLY A 83 -32.10 -1.39 38.24
CA GLY A 83 -33.32 -0.95 38.91
C GLY A 83 -34.51 -1.82 38.58
N ILE A 84 -34.51 -2.42 37.39
CA ILE A 84 -35.48 -3.47 37.07
C ILE A 84 -35.10 -4.75 37.81
N VAL A 85 -33.81 -4.91 38.09
CA VAL A 85 -33.33 -5.91 39.04
C VAL A 85 -33.85 -5.55 40.43
N LYS A 86 -33.63 -4.30 40.85
CA LYS A 86 -34.16 -3.76 42.11
C LYS A 86 -35.69 -3.91 42.23
N GLU A 87 -36.43 -3.03 41.56
CA GLU A 87 -37.87 -2.83 41.79
C GLU A 87 -38.68 -4.12 41.64
N ILE A 88 -38.19 -5.04 40.81
CA ILE A 88 -38.73 -6.40 40.68
C ILE A 88 -38.56 -7.20 41.96
N LYS A 89 -37.43 -7.00 42.65
CA LYS A 89 -37.13 -7.74 43.89
C LYS A 89 -38.23 -7.48 44.91
N GLU A 90 -38.85 -6.31 44.81
CA GLU A 90 -40.01 -5.96 45.62
C GLU A 90 -41.16 -6.88 45.25
N TRP A 91 -41.99 -6.52 44.27
CA TRP A 91 -43.20 -7.28 43.94
C TRP A 91 -43.29 -8.66 44.65
N ARG A 92 -42.64 -9.67 44.08
CA ARG A 92 -42.77 -11.09 44.53
C ARG A 92 -42.84 -11.34 46.05
N ALA A 93 -42.24 -10.46 46.84
CA ALA A 93 -42.25 -10.59 48.30
C ALA A 93 -43.58 -10.16 48.95
N ALA A 94 -44.12 -9.02 48.52
CA ALA A 94 -45.43 -8.53 48.99
C ALA A 94 -46.58 -9.35 48.39
N ASN A 95 -46.32 -9.97 47.25
CA ASN A 95 -47.27 -10.86 46.62
C ASN A 95 -46.73 -12.29 46.59
N GLY A 96 -46.65 -12.87 47.79
CA GLY A 96 -46.19 -14.23 48.03
C GLY A 96 -44.80 -14.57 47.51
N LYS A 97 -44.73 -14.79 46.20
CA LYS A 97 -43.64 -15.48 45.46
C LYS A 97 -42.17 -15.37 45.88
N PRO A 98 -41.44 -16.50 45.84
CA PRO A 98 -40.00 -16.67 46.10
C PRO A 98 -39.10 -15.79 45.23
N GLY A 99 -37.81 -15.78 45.53
CA GLY A 99 -36.87 -14.82 44.94
C GLY A 99 -35.69 -15.44 44.23
N PHE A 100 -34.60 -14.68 44.12
CA PHE A 100 -33.44 -15.05 43.27
C PHE A 100 -32.63 -16.29 43.72
N LYS A 101 -31.33 -16.13 44.02
CA LYS A 101 -30.41 -17.27 44.13
C LYS A 101 -29.07 -17.04 44.85
N GLN A 102 -28.15 -17.99 44.63
CA GLN A 102 -26.78 -17.98 45.16
C GLN A 102 -25.91 -16.88 44.56
N ASP B 1 20.93 -4.34 7.26
CA ASP B 1 20.01 -5.26 6.52
C ASP B 1 19.43 -4.49 5.34
N ALA B 2 20.33 -3.79 4.64
CA ALA B 2 20.02 -2.62 3.84
C ALA B 2 18.95 -2.66 2.71
N GLU B 3 18.85 -1.50 2.05
CA GLU B 3 17.93 -1.20 0.93
C GLU B 3 16.47 -1.02 1.31
N PHE B 4 16.07 0.25 1.41
CA PHE B 4 14.69 0.67 1.66
C PHE B 4 14.12 1.34 0.41
N ARG B 5 12.90 0.93 0.03
CA ARG B 5 12.26 1.33 -1.23
C ARG B 5 12.04 2.83 -1.34
N HIS B 6 12.14 3.34 -2.57
CA HIS B 6 11.66 4.69 -2.92
C HIS B 6 10.88 4.66 -4.22
N ASP B 7 11.05 5.68 -5.06
CA ASP B 7 10.27 5.82 -6.29
C ASP B 7 10.93 6.83 -7.23
N SER B 8 10.24 7.21 -8.30
CA SER B 8 10.72 8.27 -9.21
C SER B 8 9.86 8.54 -10.44
N GLY B 9 10.43 9.32 -11.36
CA GLY B 9 9.81 9.62 -12.64
C GLY B 9 10.78 10.12 -13.69
N TYR B 10 12.01 9.58 -13.71
CA TYR B 10 12.98 9.88 -14.79
C TYR B 10 12.32 9.53 -16.12
N GLU B 11 11.62 8.40 -16.08
CA GLU B 11 10.58 7.96 -17.01
C GLU B 11 10.72 6.45 -17.01
N VAL B 12 11.86 6.00 -17.51
CA VAL B 12 12.36 4.65 -17.26
C VAL B 12 13.83 4.87 -16.90
N HIS B 13 14.21 4.39 -15.71
CA HIS B 13 15.54 4.59 -15.16
C HIS B 13 16.65 4.23 -16.15
N HIS B 14 17.05 5.28 -16.91
CA HIS B 14 18.05 5.24 -17.99
C HIS B 14 17.42 5.08 -19.38
N GLN B 15 17.96 5.81 -20.37
CA GLN B 15 17.31 6.06 -21.67
C GLN B 15 18.20 6.68 -22.76
N LYS B 16 17.61 7.59 -23.54
CA LYS B 16 18.18 8.20 -24.77
C LYS B 16 17.89 7.33 -26.01
N SER B 17 17.95 7.95 -27.20
CA SER B 17 17.68 7.25 -28.50
C SER B 17 18.06 8.01 -29.79
N GLU B 18 18.30 7.23 -30.84
CA GLU B 18 18.53 7.70 -32.21
C GLU B 18 18.26 6.54 -33.18
N LEU B 19 17.03 6.06 -33.24
CA LEU B 19 16.73 4.79 -33.89
C LEU B 19 15.93 4.93 -35.19
N LYS B 20 16.62 5.18 -36.30
CA LYS B 20 15.95 5.31 -37.60
C LYS B 20 15.89 3.97 -38.33
N ASN B 21 14.94 3.86 -39.26
CA ASN B 21 14.66 2.60 -39.96
C ASN B 21 15.71 2.24 -41.02
N SER B 22 16.26 3.26 -41.68
CA SER B 22 17.25 3.05 -42.73
C SER B 22 18.53 3.85 -42.45
N ILE B 23 19.65 3.32 -42.90
CA ILE B 23 20.94 4.03 -42.79
C ILE B 23 20.82 5.37 -43.49
N SER B 24 20.23 5.35 -44.70
CA SER B 24 19.91 6.54 -45.47
C SER B 24 18.70 7.27 -44.87
N ASP B 25 18.70 7.33 -43.54
CA ASP B 25 17.94 8.32 -42.80
C ASP B 25 18.84 8.92 -41.71
N TYR B 26 20.06 8.40 -41.59
CA TYR B 26 21.10 8.96 -40.72
C TYR B 26 22.15 9.59 -41.60
N THR B 27 22.53 10.83 -41.31
CA THR B 27 23.80 11.35 -41.83
C THR B 27 24.93 10.54 -41.19
N GLU B 28 26.14 10.61 -41.75
CA GLU B 28 27.29 10.01 -41.09
C GLU B 28 27.32 10.47 -39.63
N ALA B 29 27.32 11.81 -39.46
CA ALA B 29 27.30 12.46 -38.16
C ALA B 29 26.31 11.83 -37.17
N GLU B 30 25.09 11.55 -37.63
CA GLU B 30 24.07 10.97 -36.75
C GLU B 30 24.53 9.62 -36.23
N PHE B 31 25.12 8.82 -37.13
CA PHE B 31 25.62 7.50 -36.77
C PHE B 31 26.81 7.61 -35.83
N VAL B 32 27.80 8.41 -36.25
CA VAL B 32 29.04 8.64 -35.49
C VAL B 32 28.80 8.74 -33.98
N GLN B 33 27.82 9.58 -33.61
CA GLN B 33 27.48 9.87 -32.24
C GLN B 33 26.80 8.71 -31.49
N LEU B 34 25.95 7.96 -32.18
CA LEU B 34 25.35 6.74 -31.62
C LEU B 34 26.44 5.73 -31.25
N LEU B 35 27.65 5.94 -31.74
CA LEU B 35 28.77 5.07 -31.39
C LEU B 35 29.52 5.61 -30.17
N LYS B 36 29.51 6.93 -30.01
CA LYS B 36 30.01 7.56 -28.81
C LYS B 36 29.03 7.30 -27.66
N GLU B 37 27.74 7.22 -28.00
CA GLU B 37 26.72 6.79 -27.05
C GLU B 37 26.88 5.31 -26.68
N ILE B 38 27.49 4.52 -27.57
CA ILE B 38 27.97 3.16 -27.26
C ILE B 38 29.22 3.18 -26.35
N GLU B 39 29.97 4.28 -26.39
CA GLU B 39 31.14 4.47 -25.52
C GLU B 39 30.79 4.84 -24.07
N LYS B 40 29.59 5.38 -23.84
CA LYS B 40 29.17 5.82 -22.52
C LYS B 40 28.36 4.73 -21.77
N GLU B 41 27.57 3.97 -22.54
CA GLU B 41 26.68 2.97 -21.98
C GLU B 41 27.31 1.57 -22.07
N ASN B 42 28.60 1.54 -22.40
CA ASN B 42 29.40 0.35 -22.14
C ASN B 42 29.65 0.34 -20.64
N VAL B 43 30.10 1.51 -20.13
CA VAL B 43 30.48 1.75 -18.74
C VAL B 43 29.35 2.35 -17.85
N ALA B 44 28.10 1.96 -18.09
CA ALA B 44 26.98 2.42 -17.26
C ALA B 44 26.32 1.26 -16.55
N ALA B 45 25.88 1.51 -15.32
CA ALA B 45 25.33 0.48 -14.40
C ALA B 45 25.02 -0.86 -15.06
N THR B 46 23.94 -0.90 -15.82
CA THR B 46 23.57 -2.11 -16.57
C THR B 46 23.99 -2.08 -18.04
N ASP B 47 23.92 -3.24 -18.67
CA ASP B 47 23.87 -3.34 -20.13
C ASP B 47 22.50 -3.91 -20.51
N ASP B 48 21.49 -3.04 -20.45
CA ASP B 48 20.09 -3.47 -20.59
C ASP B 48 19.33 -2.71 -21.69
N VAL B 49 19.53 -1.39 -21.71
CA VAL B 49 19.00 -0.52 -22.78
C VAL B 49 20.20 -0.14 -23.68
N LEU B 50 21.11 -1.10 -23.83
CA LEU B 50 22.29 -0.98 -24.69
C LEU B 50 22.04 -1.78 -25.96
N ASP B 51 21.45 -2.96 -25.76
CA ASP B 51 21.21 -3.88 -26.84
C ASP B 51 20.20 -3.30 -27.82
N VAL B 52 19.30 -2.47 -27.30
CA VAL B 52 18.49 -1.57 -28.11
C VAL B 52 19.36 -1.10 -29.28
N LEU B 53 20.36 -0.27 -28.98
CA LEU B 53 21.27 0.28 -29.97
C LEU B 53 21.97 -0.84 -30.75
N LEU B 54 22.55 -1.78 -30.00
CA LEU B 54 23.29 -2.89 -30.59
C LEU B 54 22.40 -3.71 -31.53
N GLU B 55 21.53 -4.54 -30.96
CA GLU B 55 20.62 -5.36 -31.77
C GLU B 55 19.64 -4.49 -32.59
N HIS B 56 20.06 -3.26 -32.87
CA HIS B 56 19.49 -2.42 -33.91
C HIS B 56 20.58 -2.13 -34.93
N PHE B 57 21.68 -1.55 -34.46
CA PHE B 57 22.94 -1.50 -35.22
C PHE B 57 23.10 -2.79 -36.05
N VAL B 58 23.01 -3.93 -35.37
CA VAL B 58 23.20 -5.26 -35.96
C VAL B 58 22.25 -5.57 -37.13
N LYS B 59 21.17 -4.78 -37.27
CA LYS B 59 20.26 -5.00 -38.41
C LYS B 59 20.24 -3.85 -39.42
N ILE B 60 20.66 -2.65 -39.01
CA ILE B 60 20.67 -1.53 -39.96
C ILE B 60 21.75 -1.68 -41.03
N THR B 61 23.01 -1.78 -40.62
CA THR B 61 24.14 -1.87 -41.57
C THR B 61 24.38 -3.31 -42.04
N GLU B 62 24.85 -4.15 -41.12
CA GLU B 62 24.99 -5.59 -41.31
C GLU B 62 26.29 -5.99 -42.00
N HIS B 63 27.18 -6.67 -41.27
CA HIS B 63 28.44 -7.20 -41.81
C HIS B 63 29.38 -6.05 -42.20
N PRO B 64 30.71 -6.27 -42.19
CA PRO B 64 31.46 -7.46 -41.77
C PRO B 64 31.50 -7.70 -40.24
N ASP B 65 30.50 -8.44 -39.76
CA ASP B 65 30.46 -9.07 -38.43
C ASP B 65 29.79 -8.28 -37.29
N GLY B 66 28.54 -7.88 -37.51
CA GLY B 66 27.74 -7.20 -36.51
C GLY B 66 28.55 -6.54 -35.40
N THR B 67 28.28 -6.97 -34.17
CA THR B 67 28.93 -6.45 -32.98
C THR B 67 30.44 -6.63 -32.96
N ASP B 68 30.90 -7.80 -33.40
CA ASP B 68 32.32 -8.14 -33.34
C ASP B 68 33.24 -6.95 -33.65
N LEU B 69 32.86 -6.12 -34.63
CA LEU B 69 33.65 -4.99 -35.12
C LEU B 69 33.70 -3.89 -34.06
N ILE B 70 32.53 -3.51 -33.55
CA ILE B 70 32.41 -2.51 -32.49
C ILE B 70 33.35 -2.78 -31.32
N TYR B 71 33.42 -4.05 -30.92
CA TYR B 71 34.23 -4.48 -29.79
C TYR B 71 35.65 -4.84 -30.23
N TYR B 72 35.81 -6.01 -30.87
CA TYR B 72 37.12 -6.46 -31.42
C TYR B 72 37.27 -6.19 -32.94
N PRO B 73 38.04 -5.16 -33.33
CA PRO B 73 38.30 -4.96 -34.76
C PRO B 73 39.72 -5.37 -35.17
N SER B 74 40.03 -5.27 -36.47
CA SER B 74 41.40 -5.50 -36.97
C SER B 74 42.37 -4.50 -36.30
N ASP B 75 43.63 -4.90 -36.15
CA ASP B 75 44.58 -4.12 -35.32
C ASP B 75 45.15 -2.86 -35.97
N ASN B 76 45.05 -2.79 -37.31
CA ASN B 76 45.54 -1.64 -38.06
C ASN B 76 44.41 -0.65 -38.37
N ARG B 77 43.35 -0.68 -37.55
CA ARG B 77 42.19 0.21 -37.72
C ARG B 77 41.89 0.98 -36.45
N ASP B 78 41.29 2.15 -36.61
CA ASP B 78 40.96 3.05 -35.50
C ASP B 78 39.75 2.57 -34.68
N ASP B 79 39.98 2.13 -33.44
CA ASP B 79 38.91 1.65 -32.56
C ASP B 79 38.06 2.83 -32.10
N SER B 80 37.17 3.25 -33.00
CA SER B 80 36.48 4.53 -32.91
C SER B 80 35.02 4.32 -32.41
N PRO B 81 34.09 5.28 -32.65
CA PRO B 81 33.62 6.29 -33.60
C PRO B 81 33.75 5.99 -35.10
N GLU B 82 33.81 7.05 -35.92
CA GLU B 82 33.78 6.97 -37.39
C GLU B 82 34.65 5.89 -38.07
N GLY B 83 35.61 5.33 -37.31
CA GLY B 83 36.40 4.18 -37.74
C GLY B 83 35.63 2.88 -37.82
N ILE B 84 34.62 2.71 -36.96
CA ILE B 84 33.63 1.62 -37.12
C ILE B 84 32.66 2.00 -38.24
N VAL B 85 32.37 3.28 -38.37
CA VAL B 85 31.56 3.78 -39.49
C VAL B 85 32.32 3.69 -40.83
N LYS B 86 33.65 3.76 -40.76
CA LYS B 86 34.53 3.60 -41.91
C LYS B 86 34.23 2.32 -42.70
N GLU B 87 34.31 1.17 -42.04
CA GLU B 87 34.12 -0.11 -42.73
C GLU B 87 32.64 -0.44 -42.95
N ILE B 88 31.75 0.38 -42.37
CA ILE B 88 30.31 0.33 -42.62
C ILE B 88 29.92 1.16 -43.85
N LYS B 89 30.58 2.31 -44.04
CA LYS B 89 30.41 3.13 -45.24
C LYS B 89 30.94 2.34 -46.44
N GLU B 90 32.16 1.81 -46.28
CA GLU B 90 32.75 0.89 -47.24
C GLU B 90 31.76 -0.24 -47.53
N TRP B 91 31.89 -1.36 -46.84
CA TRP B 91 31.06 -2.57 -47.08
C TRP B 91 29.73 -2.33 -47.81
N ARG B 92 28.89 -1.43 -47.31
CA ARG B 92 27.62 -1.08 -47.98
C ARG B 92 27.83 -0.59 -49.40
N ALA B 93 28.76 0.35 -49.59
CA ALA B 93 29.10 0.87 -50.91
C ALA B 93 29.43 -0.28 -51.87
N ALA B 94 30.30 -1.17 -51.43
CA ALA B 94 30.80 -2.29 -52.25
C ALA B 94 29.73 -3.30 -52.63
N ASN B 95 28.58 -3.25 -51.96
CA ASN B 95 27.49 -4.18 -52.23
C ASN B 95 26.41 -3.55 -53.12
N GLY B 96 26.37 -2.23 -53.11
CA GLY B 96 25.36 -1.46 -53.85
C GLY B 96 24.37 -0.81 -52.92
N LYS B 97 24.54 -1.06 -51.62
CA LYS B 97 23.61 -0.63 -50.58
C LYS B 97 23.84 0.83 -50.23
N PRO B 98 22.74 1.59 -50.03
CA PRO B 98 22.82 3.04 -49.84
C PRO B 98 23.62 3.42 -48.60
N GLY B 99 24.23 4.61 -48.63
CA GLY B 99 24.98 5.14 -47.49
C GLY B 99 24.13 6.15 -46.75
N PHE B 100 24.79 7.15 -46.17
CA PHE B 100 24.14 8.09 -45.26
C PHE B 100 23.35 9.22 -45.95
N LYS B 101 22.85 10.14 -45.13
CA LYS B 101 22.09 11.30 -45.53
C LYS B 101 23.04 12.49 -45.47
N GLN B 102 22.60 13.64 -45.99
CA GLN B 102 23.23 14.97 -45.76
C GLN B 102 22.67 16.07 -46.68
N GLN C 1 -3.71 22.65 3.49
CA GLN C 1 -4.93 22.38 4.32
C GLN C 1 -4.91 21.00 5.02
N VAL C 2 -3.79 20.30 4.89
CA VAL C 2 -3.58 18.99 5.53
C VAL C 2 -3.53 19.08 7.08
N THR C 3 -4.34 18.25 7.71
CA THR C 3 -4.43 18.08 9.14
C THR C 3 -4.33 16.59 9.45
N LEU C 4 -3.79 16.24 10.60
CA LEU C 4 -3.64 14.83 10.96
C LEU C 4 -3.88 14.68 12.44
N LYS C 5 -4.68 13.68 12.82
CA LYS C 5 -5.10 13.52 14.21
C LYS C 5 -5.21 12.04 14.59
N GLU C 6 -4.27 11.57 15.43
CA GLU C 6 -4.21 10.16 15.87
C GLU C 6 -5.03 9.90 17.15
N SER C 7 -5.20 8.63 17.52
CA SER C 7 -5.89 8.23 18.77
C SER C 7 -5.98 6.72 18.98
N GLY C 8 -5.34 6.24 20.03
CA GLY C 8 -5.43 4.82 20.38
C GLY C 8 -6.10 4.60 21.72
N PRO C 9 -5.96 3.38 22.29
CA PRO C 9 -6.60 3.05 23.56
C PRO C 9 -6.07 3.86 24.73
N GLY C 10 -4.79 4.23 24.69
CA GLY C 10 -4.14 4.91 25.82
C GLY C 10 -3.82 3.92 26.92
N ILE C 11 -4.85 3.47 27.63
CA ILE C 11 -4.70 2.58 28.78
C ILE C 11 -4.64 1.09 28.40
N LEU C 12 -3.53 0.44 28.73
CA LEU C 12 -3.31 -0.95 28.33
C LEU C 12 -2.46 -1.77 29.31
N GLN C 13 -2.77 -3.08 29.38
CA GLN C 13 -2.15 -4.04 30.31
C GLN C 13 -1.48 -5.21 29.54
N PRO C 14 -0.21 -5.53 29.86
CA PRO C 14 0.65 -6.50 29.14
C PRO C 14 -0.02 -7.72 28.50
N SER C 15 0.45 -8.08 27.29
CA SER C 15 -0.11 -9.16 26.47
C SER C 15 -1.31 -8.76 25.57
N GLN C 16 -1.96 -7.63 25.85
CA GLN C 16 -3.10 -7.15 25.05
C GLN C 16 -2.67 -6.58 23.68
N THR C 17 -3.65 -6.19 22.87
CA THR C 17 -3.44 -5.72 21.47
C THR C 17 -3.65 -4.20 21.37
N LEU C 18 -2.59 -3.49 20.99
CA LEU C 18 -2.70 -2.05 20.79
C LEU C 18 -3.05 -1.78 19.33
N SER C 19 -4.15 -1.07 19.16
CA SER C 19 -4.82 -0.87 17.90
C SER C 19 -4.90 0.62 17.74
N LEU C 20 -3.93 1.15 17.01
CA LEU C 20 -3.81 2.58 16.83
C LEU C 20 -4.47 3.01 15.54
N THR C 21 -5.03 4.21 15.57
CA THR C 21 -5.77 4.76 14.44
C THR C 21 -5.27 6.15 14.09
N CYS C 22 -4.91 6.32 12.83
CA CYS C 22 -4.55 7.62 12.25
C CYS C 22 -5.77 8.21 11.53
N SER C 23 -5.68 9.46 11.07
CA SER C 23 -6.80 10.10 10.38
C SER C 23 -6.33 11.26 9.54
N PHE C 24 -6.91 11.41 8.34
CA PHE C 24 -6.42 12.42 7.39
C PHE C 24 -7.49 13.37 6.81
N SER C 25 -7.19 14.66 6.81
CA SER C 25 -8.10 15.68 6.22
C SER C 25 -7.48 16.51 5.09
N GLY C 26 -8.35 17.12 4.27
CA GLY C 26 -7.96 18.12 3.29
C GLY C 26 -6.88 17.66 2.33
N PHE C 27 -7.13 16.49 1.72
CA PHE C 27 -6.27 15.87 0.71
C PHE C 27 -6.73 14.43 0.59
N SER C 28 -6.49 13.78 -0.55
CA SER C 28 -6.96 12.40 -0.72
C SER C 28 -5.82 11.42 -0.65
N LEU C 29 -6.01 10.44 0.24
CA LEU C 29 -5.08 9.34 0.38
C LEU C 29 -5.12 8.54 -0.91
N ARG C 30 -6.34 8.30 -1.40
CA ARG C 30 -6.60 7.42 -2.55
C ARG C 30 -5.89 7.84 -3.86
N THR C 31 -5.58 9.13 -3.99
CA THR C 31 -4.99 9.64 -5.23
C THR C 31 -3.71 10.43 -4.94
N SER C 32 -3.07 10.10 -3.81
CA SER C 32 -2.01 10.94 -3.22
C SER C 32 -0.59 10.53 -3.57
N ARG C 33 -0.37 9.25 -3.80
CA ARG C 33 0.94 8.71 -4.18
C ARG C 33 1.90 8.45 -3.00
N VAL C 34 1.42 8.65 -1.77
CA VAL C 34 2.27 8.68 -0.55
C VAL C 34 2.11 7.54 0.49
N GLY C 35 3.13 7.41 1.35
CA GLY C 35 3.06 6.58 2.55
C GLY C 35 2.89 7.40 3.84
N VAL C 36 2.65 6.71 4.97
CA VAL C 36 2.33 7.36 6.23
C VAL C 36 2.91 6.58 7.42
N SER C 37 4.18 6.82 7.74
CA SER C 37 4.89 6.01 8.75
C SER C 37 4.23 5.94 10.13
N TRP C 38 4.81 5.13 11.01
CA TRP C 38 4.52 5.17 12.44
C TRP C 38 5.82 5.21 13.18
N ILE C 39 6.03 6.27 13.94
CA ILE C 39 7.20 6.46 14.78
C ILE C 39 6.77 6.50 16.26
N ARG C 40 7.55 5.87 17.15
CA ARG C 40 7.26 5.96 18.60
C ARG C 40 8.34 6.67 19.38
N GLN C 41 7.91 7.64 20.18
CA GLN C 41 8.80 8.40 21.04
C GLN C 41 8.50 8.09 22.50
N PRO C 42 9.46 7.45 23.20
CA PRO C 42 9.29 7.21 24.63
C PRO C 42 9.42 8.44 25.53
N SER C 43 9.45 8.15 26.83
CA SER C 43 9.53 9.12 27.92
C SER C 43 10.89 9.81 28.05
N GLY C 44 11.00 11.00 27.47
CA GLY C 44 12.26 11.76 27.50
C GLY C 44 13.30 11.17 26.54
N LYS C 45 12.93 10.07 25.90
CA LYS C 45 13.83 9.37 25.00
C LYS C 45 13.91 10.05 23.62
N GLY C 46 14.30 9.27 22.61
CA GLY C 46 14.41 9.74 21.24
C GLY C 46 13.34 9.13 20.37
N LEU C 47 13.71 8.75 19.15
CA LEU C 47 12.72 8.27 18.18
C LEU C 47 13.13 6.98 17.49
N GLU C 48 12.11 6.19 17.13
CA GLU C 48 12.32 4.92 16.45
C GLU C 48 11.19 4.71 15.44
N TRP C 49 11.56 4.47 14.18
CA TRP C 49 10.56 4.28 13.14
C TRP C 49 10.08 2.84 13.08
N LEU C 50 8.76 2.67 13.09
CA LEU C 50 8.19 1.34 13.21
C LEU C 50 7.66 0.73 11.89
N ALA C 51 6.86 1.49 11.15
CA ALA C 51 6.24 0.97 9.91
C ALA C 51 6.01 2.01 8.79
N HIS C 52 5.59 1.51 7.62
CA HIS C 52 5.37 2.37 6.45
C HIS C 52 4.57 1.63 5.40
N ILE C 53 3.40 2.17 5.07
CA ILE C 53 2.50 1.60 4.04
C ILE C 53 2.43 2.50 2.79
N TYR C 54 3.20 2.15 1.76
CA TYR C 54 3.22 2.89 0.49
C TYR C 54 1.86 2.85 -0.17
N TRP C 55 1.65 3.73 -1.15
CA TRP C 55 0.29 3.94 -1.69
C TRP C 55 -0.36 2.69 -2.25
N ASP C 56 0.48 1.67 -2.51
CA ASP C 56 -0.01 0.31 -2.83
C ASP C 56 0.39 -0.68 -1.72
N ASP C 57 -0.17 -0.47 -0.54
CA ASP C 57 0.03 -1.34 0.64
C ASP C 57 1.39 -2.01 0.82
N ASP C 58 2.42 -1.54 0.12
CA ASP C 58 3.76 -2.12 0.23
C ASP C 58 4.34 -1.99 1.64
N LYS C 59 4.04 -2.95 2.51
CA LYS C 59 4.33 -2.83 3.94
C LYS C 59 5.83 -2.91 4.31
N ARG C 60 6.33 -1.86 4.95
CA ARG C 60 7.70 -1.76 5.49
C ARG C 60 7.61 -1.65 7.01
N TYR C 61 8.47 -2.38 7.71
CA TYR C 61 8.45 -2.47 9.17
C TYR C 61 9.86 -2.35 9.77
N ASN C 62 9.91 -2.21 11.09
CA ASN C 62 11.14 -2.29 11.86
C ASN C 62 11.36 -3.75 12.26
N PRO C 63 12.37 -4.41 11.67
CA PRO C 63 12.61 -5.86 11.80
C PRO C 63 12.78 -6.36 13.24
N SER C 64 13.14 -5.46 14.14
CA SER C 64 13.40 -5.81 15.54
C SER C 64 12.11 -6.05 16.33
N LEU C 65 10.99 -5.54 15.78
CA LEU C 65 9.66 -5.85 16.30
C LEU C 65 9.02 -6.71 15.23
N GLU C 66 8.36 -6.05 14.27
CA GLU C 66 7.83 -6.68 13.05
C GLU C 66 7.04 -7.96 13.29
N SER C 67 7.65 -8.92 13.98
CA SER C 67 6.99 -10.14 14.44
C SER C 67 5.56 -9.86 14.91
N ARG C 68 5.38 -8.68 15.51
CA ARG C 68 4.10 -8.23 16.10
C ARG C 68 3.50 -6.99 15.42
N LEU C 69 3.88 -6.68 14.17
CA LEU C 69 3.35 -5.46 13.53
C LEU C 69 2.64 -5.75 12.23
N THR C 70 1.51 -5.09 12.04
CA THR C 70 0.80 -5.10 10.76
C THR C 70 0.27 -3.72 10.45
N ILE C 71 0.84 -3.08 9.42
CA ILE C 71 0.34 -1.78 8.98
C ILE C 71 -0.69 -1.94 7.88
N SER C 72 -1.81 -1.23 8.05
CA SER C 72 -2.99 -1.39 7.22
C SER C 72 -3.27 -0.04 6.56
N LYS C 73 -4.20 0.03 5.62
CA LYS C 73 -4.74 1.36 5.19
C LYS C 73 -6.19 1.35 4.67
N ASP C 74 -6.95 2.39 5.01
CA ASP C 74 -8.34 2.50 4.53
C ASP C 74 -8.58 3.77 3.72
N THR C 75 -8.21 3.73 2.45
CA THR C 75 -8.49 4.84 1.54
C THR C 75 -9.92 5.36 1.68
N SER C 76 -10.90 4.46 1.84
CA SER C 76 -12.32 4.82 1.94
C SER C 76 -12.58 5.81 3.10
N ARG C 77 -11.74 5.73 4.13
CA ARG C 77 -11.97 6.54 5.31
C ARG C 77 -10.87 7.59 5.45
N ASN C 78 -9.64 7.21 5.09
CA ASN C 78 -8.51 8.14 4.86
C ASN C 78 -7.52 8.14 6.01
N GLN C 79 -7.53 7.05 6.75
CA GLN C 79 -6.67 6.84 7.92
C GLN C 79 -5.54 5.90 7.56
N VAL C 80 -4.89 5.33 8.59
CA VAL C 80 -3.85 4.31 8.47
C VAL C 80 -3.72 3.67 9.84
N PHE C 81 -3.71 2.35 9.85
CA PHE C 81 -3.81 1.56 11.08
C PHE C 81 -2.50 0.82 11.31
N LEU C 82 -2.10 0.73 12.58
CA LEU C 82 -1.01 -0.15 12.98
C LEU C 82 -1.55 -1.13 14.01
N LYS C 83 -1.22 -2.41 13.81
CA LYS C 83 -1.73 -3.49 14.66
C LYS C 83 -0.70 -4.12 15.60
N ILE C 84 0.04 -3.31 16.37
CA ILE C 84 1.01 -3.87 17.32
C ILE C 84 0.28 -4.72 18.38
N THR C 85 0.62 -6.00 18.41
CA THR C 85 0.03 -6.99 19.29
C THR C 85 0.98 -7.39 20.42
N SER C 86 0.44 -8.15 21.37
CA SER C 86 1.20 -8.74 22.48
C SER C 86 1.98 -7.71 23.29
N VAL C 87 1.42 -6.51 23.43
CA VAL C 87 2.22 -5.36 23.87
C VAL C 87 2.64 -5.41 25.34
N ASP C 88 3.94 -5.30 25.57
CA ASP C 88 4.42 -5.22 26.94
C ASP C 88 4.79 -3.80 27.33
N THR C 89 5.61 -3.67 28.36
CA THR C 89 5.86 -2.35 28.96
C THR C 89 6.66 -1.43 28.05
N ALA C 90 7.79 -1.92 27.56
CA ALA C 90 8.68 -1.13 26.68
C ALA C 90 7.89 -0.29 25.67
N ASP C 91 6.75 -0.81 25.22
CA ASP C 91 5.89 -0.10 24.27
C ASP C 91 5.17 1.11 24.88
N THR C 92 5.49 1.45 26.12
CA THR C 92 4.90 2.63 26.80
C THR C 92 5.50 3.91 26.21
N ALA C 93 4.99 4.33 25.06
CA ALA C 93 5.52 5.51 24.38
C ALA C 93 4.48 6.33 23.66
N THR C 94 4.97 7.40 23.02
CA THR C 94 4.14 8.39 22.35
C THR C 94 4.14 8.11 20.86
N TYR C 95 3.15 7.36 20.40
CA TYR C 95 3.03 7.02 18.99
C TYR C 95 2.62 8.19 18.08
N TYR C 96 3.51 8.48 17.11
CA TYR C 96 3.42 9.63 16.21
C TYR C 96 3.13 9.22 14.77
N CYS C 97 2.05 9.77 14.19
CA CYS C 97 1.73 9.51 12.79
C CYS C 97 2.43 10.55 11.93
N ALA C 98 3.08 10.10 10.86
CA ALA C 98 3.95 10.98 10.08
C ALA C 98 3.90 10.73 8.57
N ARG C 99 3.25 11.63 7.83
CA ARG C 99 3.13 11.54 6.34
C ARG C 99 4.50 11.68 5.65
N ARG C 100 4.70 10.95 4.55
CA ARG C 100 5.91 11.06 3.72
C ARG C 100 5.55 11.75 2.39
N GLY C 101 5.61 13.09 2.38
CA GLY C 101 5.27 13.90 1.18
C GLY C 101 6.30 13.77 0.06
N PHE C 102 6.14 14.55 -1.02
CA PHE C 102 7.17 14.57 -2.09
C PHE C 102 7.50 15.92 -2.71
N TYR C 103 7.07 16.21 -3.94
CA TYR C 103 7.49 17.47 -4.61
C TYR C 103 6.88 17.75 -6.00
N GLY C 104 5.76 17.10 -6.30
CA GLY C 104 5.08 17.31 -7.57
C GLY C 104 5.16 16.10 -8.48
N ARG C 105 6.40 15.72 -8.79
CA ARG C 105 6.72 14.48 -9.50
C ARG C 105 7.97 13.85 -8.90
N LYS C 106 8.87 14.68 -8.39
CA LYS C 106 10.14 14.22 -7.82
C LYS C 106 9.97 13.23 -6.67
N TYR C 107 9.38 12.05 -6.96
CA TYR C 107 9.03 11.10 -5.92
C TYR C 107 10.19 10.74 -4.99
N GLU C 108 11.38 10.61 -5.57
CA GLU C 108 12.62 10.19 -4.86
C GLU C 108 13.07 11.19 -3.80
N VAL C 109 12.24 12.21 -3.58
CA VAL C 109 12.63 13.39 -2.84
C VAL C 109 11.90 13.40 -1.50
N ASN C 110 11.15 12.32 -1.29
CA ASN C 110 10.15 12.24 -0.24
C ASN C 110 10.70 12.43 1.17
N HIS C 111 10.02 13.31 1.89
CA HIS C 111 10.36 13.78 3.21
C HIS C 111 9.10 13.60 4.04
N PHE C 112 9.24 13.43 5.35
CA PHE C 112 8.04 13.64 6.18
C PHE C 112 7.84 15.11 6.17
N ASP C 113 6.59 15.54 6.09
CA ASP C 113 6.25 16.96 6.09
C ASP C 113 5.25 17.31 7.18
N TYR C 114 4.42 16.35 7.59
CA TYR C 114 3.34 16.66 8.51
C TYR C 114 3.06 15.56 9.54
N TRP C 115 3.47 15.79 10.78
CA TRP C 115 3.21 14.87 11.88
C TRP C 115 1.86 15.22 12.54
N GLY C 116 1.48 14.48 13.57
CA GLY C 116 0.24 14.76 14.28
C GLY C 116 0.40 14.57 15.76
N GLN C 117 -0.42 15.30 16.55
CA GLN C 117 -0.51 15.25 18.04
C GLN C 117 0.26 14.12 18.74
N GLY C 118 0.15 12.90 18.23
CA GLY C 118 1.06 11.82 18.62
C GLY C 118 0.59 10.95 19.75
N THR C 119 -0.47 10.18 19.49
CA THR C 119 -1.21 9.49 20.57
C THR C 119 -0.30 8.84 21.64
N THR C 120 -0.55 9.22 22.89
CA THR C 120 0.33 8.86 23.99
C THR C 120 -0.16 7.60 24.68
N LEU C 121 0.74 6.63 24.84
CA LEU C 121 0.38 5.31 25.37
C LEU C 121 1.20 4.90 26.62
N THR C 122 0.50 4.69 27.73
CA THR C 122 1.06 4.10 28.95
C THR C 122 0.62 2.65 28.98
N VAL C 123 1.58 1.73 28.99
CA VAL C 123 1.30 0.29 29.07
C VAL C 123 1.80 -0.31 30.39
N SER C 124 0.88 -0.54 31.33
CA SER C 124 1.26 -1.08 32.65
C SER C 124 0.36 -2.19 33.16
N SER C 125 0.89 -2.97 34.11
CA SER C 125 0.21 -4.17 34.59
C SER C 125 -0.30 -4.06 36.03
N ALA C 126 -1.00 -2.95 36.32
CA ALA C 126 -1.75 -2.73 37.56
C ALA C 126 -2.62 -1.51 37.35
N LYS C 127 -3.86 -1.56 37.84
CA LYS C 127 -4.88 -0.53 37.60
C LYS C 127 -4.71 0.75 38.43
N THR C 128 -5.65 1.68 38.22
CA THR C 128 -5.55 3.10 38.64
C THR C 128 -5.35 3.34 40.13
N THR C 129 -4.91 4.56 40.50
CA THR C 129 -4.59 4.89 41.89
C THR C 129 -4.58 6.40 42.21
N ALA C 130 -5.35 6.81 43.21
CA ALA C 130 -5.37 8.20 43.67
C ALA C 130 -3.97 8.71 44.07
N PRO C 131 -3.71 10.03 43.95
CA PRO C 131 -2.44 10.54 44.46
C PRO C 131 -2.57 11.07 45.90
N SER C 132 -1.55 10.83 46.72
CA SER C 132 -1.65 11.18 48.14
C SER C 132 -0.88 12.44 48.47
N VAL C 133 -1.11 13.49 47.68
CA VAL C 133 -0.41 14.75 47.89
C VAL C 133 -0.26 15.03 49.39
N TYR C 134 0.98 15.25 49.82
CA TYR C 134 1.30 15.56 51.22
C TYR C 134 1.91 16.96 51.34
N PRO C 135 1.37 17.78 52.25
CA PRO C 135 1.84 19.17 52.41
C PRO C 135 3.23 19.28 53.06
N LEU C 136 4.25 19.45 52.22
CA LEU C 136 5.63 19.62 52.69
C LEU C 136 5.80 21.02 53.27
N ALA C 137 6.15 21.09 54.55
CA ALA C 137 6.30 22.35 55.28
C ALA C 137 7.75 22.58 55.68
N PRO C 138 8.09 23.81 56.14
CA PRO C 138 9.41 24.13 56.70
C PRO C 138 9.71 23.44 58.04
N VAL C 139 10.96 23.01 58.19
CA VAL C 139 11.44 22.28 59.36
C VAL C 139 11.11 22.93 60.72
N CYS C 140 11.04 22.10 61.78
CA CYS C 140 10.99 22.57 63.17
C CYS C 140 12.03 23.66 63.32
N GLY C 141 13.29 23.24 63.27
CA GLY C 141 14.44 24.09 62.95
C GLY C 141 14.80 25.25 63.86
N ASP C 142 16.06 25.67 63.74
CA ASP C 142 16.57 26.87 64.38
C ASP C 142 16.36 28.08 63.44
N THR C 143 16.00 29.22 64.04
CA THR C 143 15.68 30.47 63.33
C THR C 143 16.13 30.51 61.87
N THR C 144 15.19 30.26 60.95
CA THR C 144 15.47 30.21 59.50
C THR C 144 15.37 31.58 58.80
N GLY C 145 14.26 31.80 58.10
CA GLY C 145 13.99 33.07 57.41
C GLY C 145 14.96 33.39 56.27
N SER C 146 15.27 32.38 55.46
CA SER C 146 16.01 32.57 54.20
C SER C 146 14.96 32.85 53.14
N SER C 147 14.62 31.80 52.37
CA SER C 147 13.56 31.84 51.39
C SER C 147 12.49 30.80 51.73
N VAL C 148 11.26 31.27 51.96
CA VAL C 148 10.14 30.34 52.18
C VAL C 148 9.69 29.62 50.90
N THR C 149 10.21 28.41 50.72
CA THR C 149 9.79 27.47 49.68
C THR C 149 8.88 26.44 50.33
N LEU C 150 7.99 25.82 49.55
CA LEU C 150 7.09 24.77 50.09
C LEU C 150 7.08 23.50 49.26
N GLY C 151 5.91 22.87 49.15
CA GLY C 151 5.84 21.65 48.36
C GLY C 151 4.54 20.90 48.44
N CYS C 152 4.43 19.93 47.53
CA CYS C 152 3.28 19.07 47.45
C CYS C 152 3.87 17.78 46.90
N LEU C 153 3.67 16.66 47.59
CA LEU C 153 4.22 15.36 47.13
C LEU C 153 3.13 14.42 46.62
N VAL C 154 2.81 14.60 45.33
CA VAL C 154 1.87 13.73 44.63
C VAL C 154 2.51 12.37 44.45
N LYS C 155 2.22 11.45 45.39
CA LYS C 155 2.85 10.12 45.42
C LYS C 155 1.86 8.99 45.22
N GLY C 156 2.28 8.00 44.43
CA GLY C 156 1.51 6.81 44.16
C GLY C 156 0.28 7.05 43.32
N TYR C 157 0.46 7.26 42.01
CA TYR C 157 -0.67 7.25 41.07
C TYR C 157 -0.50 6.42 39.78
N PHE C 158 -1.61 6.24 39.08
CA PHE C 158 -1.65 5.60 37.75
C PHE C 158 -3.04 5.83 37.18
N PRO C 159 -3.14 6.21 35.88
CA PRO C 159 -2.06 6.50 34.95
C PRO C 159 -1.71 7.97 35.00
N GLU C 160 -0.95 8.41 34.01
CA GLU C 160 -0.67 9.81 33.84
C GLU C 160 -1.82 10.46 33.03
N PRO C 161 -2.10 11.76 33.28
CA PRO C 161 -1.38 12.67 34.16
C PRO C 161 -2.25 13.41 35.20
N VAL C 162 -1.60 14.19 36.07
CA VAL C 162 -2.27 15.13 36.96
C VAL C 162 -1.77 16.54 36.67
N THR C 163 -2.34 17.55 37.34
CA THR C 163 -1.81 18.92 37.32
C THR C 163 -1.82 19.52 38.72
N LEU C 164 -0.65 19.86 39.24
CA LEU C 164 -0.53 20.58 40.51
C LEU C 164 -0.90 22.06 40.33
N THR C 165 -1.32 22.71 41.42
CA THR C 165 -1.73 24.13 41.39
C THR C 165 -1.56 24.87 42.72
N TRP C 166 -1.42 26.20 42.64
CA TRP C 166 -1.26 27.04 43.82
C TRP C 166 -2.44 27.98 44.15
N ASN C 167 -2.12 29.13 44.72
CA ASN C 167 -3.07 29.92 45.48
C ASN C 167 -3.91 30.88 44.61
N SER C 168 -5.14 31.16 45.08
CA SER C 168 -6.12 32.01 44.35
C SER C 168 -5.55 33.27 43.65
N GLY C 169 -4.82 33.05 42.54
CA GLY C 169 -4.19 34.15 41.79
C GLY C 169 -3.46 35.16 42.67
N SER C 170 -3.11 34.73 43.87
CA SER C 170 -2.55 35.58 44.90
C SER C 170 -1.06 35.80 44.63
N LEU C 171 -0.24 35.56 45.66
CA LEU C 171 1.22 35.69 45.54
C LEU C 171 1.80 34.63 44.60
N SER C 172 2.45 35.11 43.54
CA SER C 172 2.99 34.22 42.51
C SER C 172 4.43 34.61 42.20
N SER C 173 5.34 34.20 43.08
CA SER C 173 6.76 34.46 42.88
C SER C 173 7.63 33.20 42.77
N GLY C 174 7.07 32.15 42.14
CA GLY C 174 7.80 30.91 41.87
C GLY C 174 7.02 29.87 41.07
N VAL C 175 7.19 28.60 41.47
CA VAL C 175 6.66 27.35 40.87
C VAL C 175 7.76 26.60 40.14
N HIS C 176 7.97 25.33 40.52
CA HIS C 176 8.99 24.48 39.87
C HIS C 176 8.51 23.06 39.52
N THR C 177 7.19 22.84 39.54
CA THR C 177 6.57 21.53 39.24
C THR C 177 7.46 20.52 38.46
N PHE C 178 7.90 19.48 39.19
CA PHE C 178 8.85 18.45 38.73
C PHE C 178 8.06 17.24 38.24
N PRO C 179 8.59 16.51 37.25
CA PRO C 179 7.80 15.45 36.60
C PRO C 179 7.72 14.15 37.43
N ALA C 180 7.12 13.12 36.83
CA ALA C 180 6.77 11.90 37.53
C ALA C 180 7.82 10.79 37.39
N VAL C 181 8.56 10.59 38.49
CA VAL C 181 9.35 9.38 38.72
C VAL C 181 8.41 8.18 38.57
N LEU C 182 8.94 7.02 38.20
CA LEU C 182 8.15 5.80 38.12
C LEU C 182 8.77 4.73 39.02
N GLN C 183 8.41 4.80 40.29
CA GLN C 183 8.78 3.77 41.26
C GLN C 183 7.61 2.81 41.37
N SER C 184 7.75 1.67 40.69
CA SER C 184 6.77 0.60 40.72
C SER C 184 5.38 1.07 40.30
N ASP C 185 4.87 0.51 39.21
CA ASP C 185 3.51 0.74 38.73
C ASP C 185 2.88 2.12 39.02
N LEU C 186 3.02 2.61 40.25
CA LEU C 186 2.47 3.92 40.63
C LEU C 186 3.54 5.02 40.52
N TYR C 187 3.14 6.20 40.03
CA TYR C 187 4.09 7.28 39.75
C TYR C 187 4.49 8.08 40.99
N THR C 188 5.15 9.22 40.78
CA THR C 188 5.59 10.10 41.87
C THR C 188 6.02 11.45 41.29
N LEU C 189 5.37 12.52 41.76
CA LEU C 189 5.51 13.86 41.18
C LEU C 189 5.56 14.88 42.30
N SER C 190 6.39 15.89 42.11
CA SER C 190 6.61 16.94 43.13
C SER C 190 6.70 18.35 42.52
N SER C 191 6.39 19.36 43.35
CA SER C 191 6.60 20.77 43.00
C SER C 191 6.95 21.55 44.25
N SER C 192 7.61 22.70 44.07
CA SER C 192 7.87 23.64 45.16
C SER C 192 7.78 25.08 44.68
N VAL C 193 6.99 25.89 45.39
CA VAL C 193 6.95 27.33 45.17
C VAL C 193 7.75 28.06 46.25
N THR C 194 8.66 28.93 45.80
CA THR C 194 9.52 29.75 46.67
C THR C 194 9.06 31.20 46.70
N VAL C 195 8.98 31.75 47.91
CA VAL C 195 8.83 33.19 48.15
C VAL C 195 9.99 33.57 49.08
N THR C 196 10.56 34.76 48.90
CA THR C 196 11.81 35.16 49.60
C THR C 196 11.71 35.28 51.13
N SER C 197 10.94 34.36 51.74
CA SER C 197 10.48 34.41 53.15
C SER C 197 9.75 35.70 53.56
N SER C 198 8.49 35.80 53.13
CA SER C 198 7.71 37.03 53.31
C SER C 198 6.19 36.81 53.46
N THR C 199 5.64 35.83 52.76
CA THR C 199 4.17 35.65 52.73
C THR C 199 3.70 34.35 53.38
N TRP C 200 4.38 33.94 54.44
CA TRP C 200 4.10 32.68 55.10
C TRP C 200 4.75 32.71 56.49
N PRO C 201 4.09 32.14 57.51
CA PRO C 201 2.75 31.48 57.59
C PRO C 201 1.54 32.40 57.41
N SER C 202 1.77 33.71 57.35
CA SER C 202 0.69 34.70 57.32
C SER C 202 -0.29 34.54 56.15
N GLU C 203 0.25 34.32 54.95
CA GLU C 203 -0.54 34.48 53.73
C GLU C 203 -1.06 33.19 53.14
N SER C 204 -2.38 33.13 53.01
CA SER C 204 -3.10 31.97 52.51
C SER C 204 -2.35 31.14 51.46
N ILE C 205 -2.29 29.84 51.71
CA ILE C 205 -1.90 28.85 50.72
C ILE C 205 -3.09 27.88 50.60
N THR C 206 -2.92 26.79 49.83
CA THR C 206 -3.95 25.79 49.56
C THR C 206 -3.58 25.12 48.23
N CYS C 207 -3.11 23.88 48.34
CA CYS C 207 -2.31 23.20 47.29
C CYS C 207 -3.12 22.22 46.46
N ASN C 208 -3.91 22.74 45.50
CA ASN C 208 -4.69 21.90 44.58
C ASN C 208 -3.82 20.96 43.74
N VAL C 209 -4.34 19.75 43.49
CA VAL C 209 -3.72 18.75 42.59
C VAL C 209 -4.82 17.94 41.87
N ALA C 210 -4.78 18.00 40.53
CA ALA C 210 -5.92 17.57 39.70
C ALA C 210 -6.26 16.07 39.72
N HIS C 211 -5.57 15.29 38.91
CA HIS C 211 -5.97 13.90 38.61
C HIS C 211 -7.39 13.83 38.04
N PRO C 212 -7.51 13.62 36.71
CA PRO C 212 -8.77 13.52 35.97
C PRO C 212 -9.12 12.06 35.64
N ALA C 213 -8.23 11.15 36.00
CA ALA C 213 -8.44 9.71 35.88
C ALA C 213 -9.38 9.19 36.96
N SER C 214 -9.48 9.92 38.09
CA SER C 214 -10.31 9.53 39.23
C SER C 214 -11.38 10.54 39.62
N SER C 215 -11.19 11.79 39.19
CA SER C 215 -12.21 12.85 39.23
C SER C 215 -12.36 13.59 40.57
N THR C 216 -12.04 12.90 41.67
CA THR C 216 -11.97 13.52 43.02
C THR C 216 -10.67 14.31 43.18
N LYS C 217 -10.75 15.42 43.90
CA LYS C 217 -9.71 16.46 43.88
C LYS C 217 -9.57 17.12 45.27
N VAL C 218 -8.36 17.15 45.84
CA VAL C 218 -8.17 17.58 47.25
C VAL C 218 -7.14 18.71 47.46
N ASP C 219 -7.46 19.62 48.39
CA ASP C 219 -6.59 20.75 48.81
C ASP C 219 -6.23 20.74 50.30
N LYS C 220 -5.26 21.58 50.69
CA LYS C 220 -4.90 21.87 52.11
C LYS C 220 -3.75 22.87 52.19
N LYS C 221 -3.95 23.95 52.97
CA LYS C 221 -2.88 24.88 53.29
C LYS C 221 -1.71 24.18 53.99
N ILE C 222 -0.73 24.95 54.48
CA ILE C 222 0.52 24.35 54.98
C ILE C 222 0.66 24.42 56.51
N VAL C 223 1.21 23.35 57.09
CA VAL C 223 1.36 23.22 58.54
C VAL C 223 2.69 22.53 58.87
N PRO C 224 3.54 23.14 59.74
CA PRO C 224 4.86 22.65 60.09
C PRO C 224 4.93 22.14 61.54
N ARG C 225 6.15 22.07 62.06
CA ARG C 225 6.42 21.96 63.51
C ARG C 225 5.82 20.73 64.21
N GLN D 1 -10.69 -35.12 -7.68
CA GLN D 1 -10.56 -35.31 -9.15
C GLN D 1 -11.35 -34.23 -9.92
N VAL D 2 -12.28 -33.55 -9.24
CA VAL D 2 -13.22 -32.55 -9.82
C VAL D 2 -12.79 -31.85 -11.12
N THR D 3 -13.53 -32.06 -12.20
CA THR D 3 -13.31 -31.39 -13.49
C THR D 3 -14.61 -30.92 -14.14
N LEU D 4 -14.56 -29.78 -14.83
CA LEU D 4 -15.75 -29.18 -15.43
C LEU D 4 -15.66 -29.19 -16.95
N LYS D 5 -16.73 -29.64 -17.62
CA LYS D 5 -16.73 -29.72 -19.10
C LYS D 5 -17.97 -29.17 -19.80
N GLU D 6 -17.85 -27.97 -20.37
CA GLU D 6 -18.88 -27.38 -21.27
C GLU D 6 -18.94 -28.13 -22.59
N SER D 7 -20.10 -28.09 -23.25
CA SER D 7 -20.24 -28.58 -24.62
C SER D 7 -21.42 -27.98 -25.39
N GLY D 8 -21.31 -27.97 -26.71
CA GLY D 8 -22.33 -27.41 -27.58
C GLY D 8 -22.07 -27.69 -29.05
N PRO D 9 -22.57 -26.82 -29.96
CA PRO D 9 -22.43 -27.04 -31.39
C PRO D 9 -21.16 -26.41 -31.90
N GLY D 10 -20.78 -25.30 -31.26
CA GLY D 10 -19.50 -24.65 -31.54
C GLY D 10 -19.54 -23.76 -32.76
N ILE D 11 -20.59 -23.93 -33.58
CA ILE D 11 -20.78 -23.18 -34.81
C ILE D 11 -22.28 -23.06 -35.15
N LEU D 12 -22.97 -22.13 -34.49
CA LEU D 12 -24.39 -21.87 -34.79
C LEU D 12 -24.64 -20.96 -36.02
N GLN D 13 -25.89 -20.56 -36.17
CA GLN D 13 -26.34 -19.62 -37.20
C GLN D 13 -27.50 -18.78 -36.62
N PRO D 14 -27.70 -17.55 -37.15
CA PRO D 14 -28.49 -16.47 -36.52
C PRO D 14 -29.90 -16.81 -36.03
N SER D 15 -30.59 -15.83 -35.45
CA SER D 15 -31.84 -16.07 -34.73
C SER D 15 -32.35 -17.51 -34.82
N GLN D 16 -31.94 -18.30 -33.82
CA GLN D 16 -32.29 -19.71 -33.67
C GLN D 16 -32.48 -20.05 -32.19
N THR D 17 -31.67 -20.98 -31.67
CA THR D 17 -31.66 -21.35 -30.24
C THR D 17 -30.52 -22.32 -29.91
N LEU D 18 -29.67 -21.95 -28.95
CA LEU D 18 -28.56 -22.79 -28.50
C LEU D 18 -28.92 -23.64 -27.26
N SER D 19 -28.11 -24.66 -27.02
CA SER D 19 -28.09 -25.32 -25.71
C SER D 19 -26.66 -25.59 -25.30
N LEU D 20 -26.32 -25.13 -24.10
CA LEU D 20 -25.04 -25.39 -23.50
C LEU D 20 -25.22 -26.43 -22.39
N THR D 21 -24.40 -27.48 -22.43
CA THR D 21 -24.33 -28.51 -21.37
C THR D 21 -23.02 -28.43 -20.58
N CYS D 22 -23.11 -28.21 -19.26
CA CYS D 22 -21.91 -28.26 -18.43
C CYS D 22 -21.84 -29.55 -17.57
N SER D 23 -20.69 -30.24 -17.59
CA SER D 23 -20.60 -31.62 -17.08
C SER D 23 -19.47 -31.98 -16.07
N PHE D 24 -19.86 -32.63 -14.96
CA PHE D 24 -19.01 -32.83 -13.76
C PHE D 24 -18.38 -34.21 -13.61
N SER D 25 -17.24 -34.29 -12.91
CA SER D 25 -16.63 -35.57 -12.50
C SER D 25 -16.31 -35.56 -10.99
N GLY D 26 -15.92 -36.71 -10.45
CA GLY D 26 -15.29 -36.81 -9.12
C GLY D 26 -16.14 -36.51 -7.89
N PHE D 27 -17.23 -35.77 -8.10
CA PHE D 27 -18.13 -35.34 -7.01
C PHE D 27 -19.58 -35.27 -7.51
N SER D 28 -20.53 -34.96 -6.64
CA SER D 28 -21.94 -35.15 -6.98
C SER D 28 -22.85 -34.00 -6.58
N LEU D 29 -23.84 -33.74 -7.43
CA LEU D 29 -24.60 -32.51 -7.38
C LEU D 29 -25.75 -32.50 -6.38
N ARG D 30 -25.86 -33.56 -5.58
CA ARG D 30 -26.98 -33.71 -4.62
C ARG D 30 -26.65 -33.20 -3.21
N THR D 31 -25.62 -33.75 -2.59
CA THR D 31 -25.14 -33.18 -1.33
C THR D 31 -23.77 -32.49 -1.51
N SER D 32 -23.57 -31.91 -2.69
CA SER D 32 -22.46 -31.00 -2.94
C SER D 32 -22.83 -29.62 -2.44
N ARG D 33 -24.07 -29.23 -2.66
CA ARG D 33 -24.60 -27.94 -2.23
C ARG D 33 -24.19 -26.72 -3.10
N VAL D 34 -23.06 -26.83 -3.81
CA VAL D 34 -22.56 -25.76 -4.70
C VAL D 34 -23.56 -25.28 -5.75
N GLY D 35 -23.27 -24.14 -6.36
CA GLY D 35 -24.07 -23.61 -7.48
C GLY D 35 -23.27 -23.59 -8.77
N VAL D 36 -23.96 -23.25 -9.86
CA VAL D 36 -23.32 -23.22 -11.19
C VAL D 36 -23.71 -21.98 -11.98
N SER D 37 -22.70 -21.21 -12.39
CA SER D 37 -22.93 -19.98 -13.20
C SER D 37 -22.46 -20.11 -14.63
N TRP D 38 -23.16 -19.47 -15.55
CA TRP D 38 -22.66 -19.29 -16.92
C TRP D 38 -22.07 -17.90 -17.10
N ILE D 39 -20.81 -17.87 -17.51
CA ILE D 39 -20.08 -16.64 -17.81
C ILE D 39 -19.53 -16.79 -19.22
N ARG D 40 -19.71 -15.77 -20.07
CA ARG D 40 -19.17 -15.84 -21.42
C ARG D 40 -18.14 -14.77 -21.64
N GLN D 41 -17.17 -15.11 -22.48
CA GLN D 41 -16.15 -14.19 -22.95
C GLN D 41 -16.14 -14.21 -24.49
N PRO D 42 -16.47 -13.07 -25.11
CA PRO D 42 -16.30 -12.84 -26.55
C PRO D 42 -14.84 -12.82 -27.00
N SER D 43 -14.60 -13.45 -28.15
CA SER D 43 -13.34 -13.35 -28.86
C SER D 43 -12.77 -11.94 -28.72
N GLY D 44 -11.66 -11.84 -28.01
CA GLY D 44 -10.97 -10.55 -27.85
C GLY D 44 -11.80 -9.54 -27.10
N LYS D 45 -12.28 -9.92 -25.92
CA LYS D 45 -12.83 -8.96 -24.97
C LYS D 45 -12.85 -9.51 -23.54
N GLY D 46 -13.67 -8.89 -22.70
CA GLY D 46 -13.61 -9.13 -21.26
C GLY D 46 -14.39 -10.35 -20.82
N LEU D 47 -15.20 -10.15 -19.78
CA LEU D 47 -16.03 -11.20 -19.20
C LEU D 47 -17.35 -10.62 -18.67
N GLU D 48 -18.40 -11.41 -18.85
CA GLU D 48 -19.77 -10.99 -18.64
C GLU D 48 -20.51 -12.18 -18.05
N TRP D 49 -21.50 -11.93 -17.19
CA TRP D 49 -22.16 -13.02 -16.48
C TRP D 49 -23.64 -13.18 -16.86
N LEU D 50 -23.97 -14.41 -17.24
CA LEU D 50 -25.23 -14.73 -17.91
C LEU D 50 -26.34 -15.26 -17.01
N ALA D 51 -26.00 -16.03 -15.97
CA ALA D 51 -27.02 -16.65 -15.11
C ALA D 51 -26.41 -17.42 -13.92
N HIS D 52 -27.27 -18.09 -13.14
CA HIS D 52 -26.80 -18.90 -12.01
C HIS D 52 -27.88 -19.80 -11.42
N ILE D 53 -27.49 -21.03 -11.10
CA ILE D 53 -28.33 -21.98 -10.35
C ILE D 53 -27.73 -22.34 -8.97
N TYR D 54 -28.59 -22.86 -8.08
CA TYR D 54 -28.25 -23.12 -6.69
C TYR D 54 -28.54 -24.58 -6.40
N TRP D 55 -28.07 -25.04 -5.23
CA TRP D 55 -28.14 -26.47 -4.88
C TRP D 55 -29.57 -26.98 -4.90
N ASP D 56 -30.51 -26.04 -4.84
CA ASP D 56 -31.91 -26.36 -4.99
C ASP D 56 -32.51 -25.60 -6.20
N ASP D 57 -32.47 -26.23 -7.38
CA ASP D 57 -32.85 -25.59 -8.67
C ASP D 57 -33.35 -24.12 -8.63
N ASP D 58 -32.56 -23.23 -8.01
CA ASP D 58 -32.89 -21.82 -7.93
C ASP D 58 -32.12 -21.08 -9.00
N LYS D 59 -32.81 -20.23 -9.75
CA LYS D 59 -32.28 -19.70 -11.02
C LYS D 59 -32.32 -18.18 -11.01
N ARG D 60 -31.17 -17.55 -11.22
CA ARG D 60 -31.04 -16.09 -11.13
C ARG D 60 -30.36 -15.41 -12.35
N TYR D 61 -31.15 -14.84 -13.28
CA TYR D 61 -30.61 -14.28 -14.55
C TYR D 61 -30.28 -12.76 -14.60
N ASN D 62 -29.22 -12.42 -15.33
CA ASN D 62 -28.84 -11.03 -15.70
C ASN D 62 -30.01 -10.34 -16.36
N PRO D 63 -30.49 -9.21 -15.80
CA PRO D 63 -31.67 -8.55 -16.39
C PRO D 63 -31.37 -8.11 -17.81
N SER D 64 -30.17 -7.60 -18.03
CA SER D 64 -29.65 -7.25 -19.34
C SER D 64 -29.53 -8.50 -20.21
N LEU D 65 -30.60 -9.30 -20.23
CA LEU D 65 -30.71 -10.58 -20.99
C LEU D 65 -32.04 -11.24 -20.57
N GLU D 66 -31.96 -12.22 -19.65
CA GLU D 66 -33.12 -12.79 -18.93
C GLU D 66 -34.16 -13.52 -19.81
N SER D 67 -34.79 -12.79 -20.73
CA SER D 67 -35.85 -13.28 -21.61
C SER D 67 -35.34 -14.32 -22.58
N ARG D 68 -34.11 -14.12 -23.03
CA ARG D 68 -33.49 -15.04 -23.96
C ARG D 68 -33.01 -16.25 -23.20
N LEU D 69 -32.22 -15.98 -22.16
CA LEU D 69 -31.63 -16.99 -21.29
C LEU D 69 -32.63 -17.86 -20.57
N THR D 70 -32.22 -19.11 -20.34
CA THR D 70 -33.02 -20.16 -19.72
C THR D 70 -31.99 -21.11 -19.11
N ILE D 71 -32.02 -21.29 -17.79
CA ILE D 71 -31.02 -22.15 -17.13
C ILE D 71 -31.68 -23.27 -16.36
N SER D 72 -30.99 -24.40 -16.29
CA SER D 72 -31.59 -25.61 -15.75
C SER D 72 -30.53 -26.66 -15.45
N LYS D 73 -30.95 -27.75 -14.79
CA LYS D 73 -30.03 -28.87 -14.61
C LYS D 73 -30.70 -30.23 -14.46
N ASP D 74 -29.85 -31.27 -14.40
CA ASP D 74 -30.22 -32.64 -13.99
C ASP D 74 -29.12 -33.09 -12.99
N THR D 75 -29.52 -33.67 -11.86
CA THR D 75 -28.54 -34.24 -10.92
C THR D 75 -28.26 -35.68 -11.30
N SER D 76 -29.26 -36.31 -11.89
CA SER D 76 -29.13 -37.70 -12.34
C SER D 76 -28.00 -37.75 -13.35
N ARG D 77 -28.18 -37.02 -14.45
CA ARG D 77 -27.11 -36.78 -15.41
C ARG D 77 -25.87 -36.13 -14.78
N ASN D 78 -26.08 -35.22 -13.81
CA ASN D 78 -24.97 -34.55 -13.12
C ASN D 78 -24.43 -33.41 -13.96
N GLN D 79 -25.33 -32.60 -14.52
CA GLN D 79 -24.92 -31.49 -15.39
C GLN D 79 -25.90 -30.30 -15.41
N VAL D 80 -25.37 -29.11 -15.76
CA VAL D 80 -26.17 -27.88 -15.85
C VAL D 80 -26.26 -27.38 -17.30
N PHE D 81 -27.36 -26.70 -17.62
CA PHE D 81 -27.70 -26.35 -18.99
C PHE D 81 -27.76 -24.85 -19.18
N LEU D 82 -28.10 -24.42 -20.39
CA LEU D 82 -28.41 -23.01 -20.69
C LEU D 82 -28.86 -22.88 -22.13
N LYS D 83 -30.11 -22.48 -22.29
CA LYS D 83 -30.62 -22.16 -23.60
C LYS D 83 -30.57 -20.65 -23.76
N ILE D 84 -30.10 -20.20 -24.92
CA ILE D 84 -30.29 -18.81 -25.29
C ILE D 84 -31.20 -18.80 -26.50
N THR D 85 -32.31 -18.07 -26.39
CA THR D 85 -33.26 -17.92 -27.49
C THR D 85 -32.72 -16.97 -28.54
N SER D 86 -33.48 -16.84 -29.63
CA SER D 86 -33.09 -16.05 -30.79
C SER D 86 -31.64 -15.61 -30.76
N VAL D 87 -30.73 -16.60 -30.75
CA VAL D 87 -29.29 -16.35 -30.74
C VAL D 87 -28.97 -15.33 -31.81
N ASP D 88 -28.07 -14.41 -31.50
CA ASP D 88 -27.67 -13.43 -32.49
C ASP D 88 -26.15 -13.30 -32.58
N THR D 89 -25.67 -12.76 -33.70
CA THR D 89 -24.23 -12.54 -33.91
C THR D 89 -23.47 -12.17 -32.60
N ALA D 90 -24.17 -11.44 -31.72
CA ALA D 90 -23.64 -10.96 -30.42
C ALA D 90 -23.23 -12.09 -29.48
N ASP D 91 -23.92 -13.23 -29.58
CA ASP D 91 -23.57 -14.43 -28.84
C ASP D 91 -22.19 -15.02 -29.20
N THR D 92 -21.54 -14.49 -30.24
CA THR D 92 -20.29 -15.08 -30.73
C THR D 92 -19.28 -14.98 -29.60
N ALA D 93 -18.91 -16.15 -29.06
CA ALA D 93 -18.22 -16.24 -27.78
C ALA D 93 -17.82 -17.64 -27.35
N THR D 94 -16.72 -17.69 -26.61
CA THR D 94 -16.37 -18.86 -25.84
C THR D 94 -17.17 -18.78 -24.54
N TYR D 95 -17.92 -19.83 -24.23
CA TYR D 95 -18.76 -19.88 -23.04
C TYR D 95 -18.16 -20.75 -21.95
N TYR D 96 -18.26 -20.26 -20.71
CA TYR D 96 -17.74 -20.95 -19.53
C TYR D 96 -18.85 -21.21 -18.53
N CYS D 97 -18.96 -22.49 -18.14
CA CYS D 97 -19.69 -22.88 -16.95
C CYS D 97 -18.74 -22.76 -15.76
N ALA D 98 -19.30 -22.56 -14.57
CA ALA D 98 -18.49 -22.26 -13.37
C ALA D 98 -19.17 -22.67 -12.09
N ARG D 99 -18.48 -23.51 -11.30
CA ARG D 99 -18.96 -23.96 -9.98
C ARG D 99 -18.85 -22.86 -8.96
N ARG D 100 -19.96 -22.51 -8.30
CA ARG D 100 -19.89 -21.57 -7.15
C ARG D 100 -19.71 -22.30 -5.80
N GLY D 101 -18.45 -22.50 -5.45
CA GLY D 101 -18.12 -23.28 -4.26
C GLY D 101 -17.96 -22.46 -2.99
N PHE D 102 -17.44 -23.14 -1.96
CA PHE D 102 -17.27 -22.60 -0.59
C PHE D 102 -16.33 -23.46 0.28
N TYR D 103 -16.18 -23.06 1.53
CA TYR D 103 -15.19 -23.60 2.47
C TYR D 103 -15.78 -24.75 3.32
N GLY D 104 -16.83 -25.40 2.82
CA GLY D 104 -17.53 -26.44 3.56
C GLY D 104 -18.25 -25.92 4.79
N ARG D 105 -19.53 -26.26 4.90
CA ARG D 105 -20.36 -25.90 6.07
C ARG D 105 -20.46 -24.40 6.33
N LYS D 106 -19.32 -23.71 6.25
CA LYS D 106 -19.22 -22.24 6.17
C LYS D 106 -19.82 -21.74 4.85
N TYR D 107 -21.07 -22.10 4.58
CA TYR D 107 -21.65 -21.93 3.26
C TYR D 107 -21.40 -20.53 2.67
N GLU D 108 -21.79 -19.49 3.42
CA GLU D 108 -21.60 -18.08 2.99
C GLU D 108 -20.18 -17.65 2.53
N VAL D 109 -19.28 -18.60 2.30
CA VAL D 109 -17.92 -18.21 1.85
C VAL D 109 -17.75 -18.45 0.35
N ASN D 110 -18.79 -18.13 -0.41
CA ASN D 110 -18.93 -18.60 -1.79
C ASN D 110 -18.10 -17.87 -2.85
N HIS D 111 -17.22 -18.62 -3.52
CA HIS D 111 -16.44 -18.12 -4.67
C HIS D 111 -16.58 -19.08 -5.85
N PHE D 112 -15.67 -19.01 -6.82
CA PHE D 112 -15.73 -19.87 -7.99
C PHE D 112 -14.44 -20.69 -8.15
N ASP D 113 -14.23 -21.64 -7.24
CA ASP D 113 -12.96 -22.38 -7.22
C ASP D 113 -12.57 -22.78 -8.63
N TYR D 114 -13.51 -23.45 -9.31
CA TYR D 114 -13.23 -24.25 -10.51
C TYR D 114 -14.07 -23.80 -11.70
N TRP D 115 -13.39 -23.43 -12.79
CA TRP D 115 -14.03 -23.08 -14.05
C TRP D 115 -13.54 -24.10 -15.05
N GLY D 116 -14.43 -24.52 -15.96
CA GLY D 116 -14.07 -25.44 -17.05
C GLY D 116 -13.11 -24.83 -18.05
N GLN D 117 -12.91 -25.51 -19.18
CA GLN D 117 -12.05 -24.99 -20.26
C GLN D 117 -12.76 -23.90 -21.07
N GLY D 118 -13.86 -24.28 -21.72
CA GLY D 118 -14.66 -23.31 -22.50
C GLY D 118 -15.20 -23.92 -23.78
N THR D 119 -16.46 -23.64 -24.08
CA THR D 119 -17.03 -24.10 -25.37
C THR D 119 -17.33 -22.92 -26.28
N THR D 120 -16.68 -22.92 -27.44
CA THR D 120 -16.65 -21.75 -28.31
C THR D 120 -17.73 -21.78 -29.37
N LEU D 121 -18.54 -20.73 -29.40
CA LEU D 121 -19.64 -20.62 -30.35
C LEU D 121 -19.48 -19.41 -31.29
N THR D 122 -19.50 -19.68 -32.59
CA THR D 122 -19.56 -18.67 -33.64
C THR D 122 -20.97 -18.68 -34.20
N VAL D 123 -21.65 -17.53 -34.19
CA VAL D 123 -23.00 -17.46 -34.75
C VAL D 123 -23.07 -16.60 -36.02
N SER D 124 -22.68 -17.20 -37.16
CA SER D 124 -22.78 -16.53 -38.47
C SER D 124 -23.49 -17.37 -39.55
N SER D 125 -24.35 -16.71 -40.31
CA SER D 125 -25.03 -17.30 -41.46
C SER D 125 -24.04 -17.21 -42.60
N ALA D 126 -23.15 -18.20 -42.70
CA ALA D 126 -21.99 -18.12 -43.57
C ALA D 126 -21.48 -19.50 -43.96
N LYS D 127 -22.35 -20.31 -44.57
CA LYS D 127 -22.05 -21.70 -44.90
C LYS D 127 -20.57 -21.95 -45.22
N THR D 128 -20.05 -23.06 -44.69
CA THR D 128 -18.63 -23.38 -44.72
C THR D 128 -17.94 -22.90 -45.99
N THR D 129 -16.80 -22.24 -45.82
CA THR D 129 -15.99 -21.78 -46.93
C THR D 129 -14.50 -21.94 -46.63
N ALA D 130 -13.81 -22.69 -47.47
CA ALA D 130 -12.37 -22.90 -47.35
C ALA D 130 -11.65 -21.55 -47.51
N PRO D 131 -10.37 -21.48 -47.12
CA PRO D 131 -9.62 -20.21 -47.27
C PRO D 131 -8.92 -20.07 -48.61
N SER D 132 -8.31 -18.92 -48.87
CA SER D 132 -7.53 -18.68 -50.08
C SER D 132 -6.10 -18.27 -49.72
N VAL D 133 -5.15 -19.12 -50.10
CA VAL D 133 -3.77 -19.03 -49.61
C VAL D 133 -2.87 -18.18 -50.51
N TYR D 134 -2.82 -16.87 -50.25
CA TYR D 134 -1.97 -15.98 -51.04
C TYR D 134 -0.57 -15.85 -50.46
N PRO D 135 0.44 -16.33 -51.22
CA PRO D 135 1.87 -16.15 -50.97
C PRO D 135 2.37 -14.80 -51.46
N LEU D 136 3.21 -14.16 -50.64
CA LEU D 136 3.63 -12.75 -50.82
C LEU D 136 5.15 -12.55 -50.68
N ALA D 137 5.77 -11.95 -51.72
CA ALA D 137 7.21 -11.74 -51.83
C ALA D 137 7.59 -10.26 -51.68
N PRO D 138 8.91 -9.93 -51.71
CA PRO D 138 9.35 -8.51 -51.60
C PRO D 138 8.87 -7.58 -52.76
N VAL D 139 9.63 -6.53 -53.06
CA VAL D 139 9.13 -5.43 -53.93
C VAL D 139 10.11 -4.99 -55.04
N CYS D 140 9.59 -4.28 -56.05
CA CYS D 140 10.40 -3.74 -57.16
C CYS D 140 11.16 -2.46 -56.78
N GLY D 141 10.44 -1.49 -56.20
CA GLY D 141 11.05 -0.24 -55.76
C GLY D 141 11.94 -0.42 -54.55
N ASP D 142 11.40 -0.09 -53.38
CA ASP D 142 12.10 -0.15 -52.08
C ASP D 142 12.38 -1.60 -51.65
N THR D 143 13.43 -2.16 -52.23
CA THR D 143 13.69 -3.61 -52.26
C THR D 143 14.99 -4.03 -51.55
N THR D 144 15.94 -3.10 -51.44
CA THR D 144 17.25 -3.40 -50.85
C THR D 144 17.23 -3.31 -49.32
N GLY D 145 16.64 -4.35 -48.72
CA GLY D 145 16.63 -4.52 -47.29
C GLY D 145 17.80 -5.40 -46.87
N SER D 146 18.50 -4.98 -45.81
CA SER D 146 19.60 -5.76 -45.22
C SER D 146 19.07 -7.02 -44.54
N SER D 147 17.75 -7.14 -44.53
CA SER D 147 17.05 -8.27 -43.97
C SER D 147 16.39 -9.17 -45.04
N VAL D 148 15.56 -10.11 -44.63
CA VAL D 148 14.60 -10.73 -45.53
C VAL D 148 13.36 -11.19 -44.77
N THR D 149 12.22 -10.59 -45.11
CA THR D 149 10.93 -10.91 -44.52
C THR D 149 9.97 -11.33 -45.62
N LEU D 150 9.32 -12.47 -45.43
CA LEU D 150 8.26 -12.91 -46.33
C LEU D 150 6.91 -12.93 -45.61
N GLY D 151 5.84 -12.95 -46.41
CA GLY D 151 4.48 -12.96 -45.87
C GLY D 151 3.59 -14.04 -46.49
N CYS D 152 2.38 -14.17 -45.96
CA CYS D 152 1.38 -15.12 -46.44
C CYS D 152 0.03 -14.55 -46.02
N LEU D 153 -0.96 -14.62 -46.90
CA LEU D 153 -2.30 -14.07 -46.62
C LEU D 153 -3.39 -15.11 -46.90
N VAL D 154 -4.16 -15.43 -45.86
CA VAL D 154 -5.10 -16.55 -45.91
C VAL D 154 -6.50 -16.01 -45.85
N LYS D 155 -7.11 -15.87 -47.02
CA LYS D 155 -8.24 -14.96 -47.23
C LYS D 155 -9.57 -15.67 -47.50
N GLY D 156 -10.59 -15.34 -46.72
CA GLY D 156 -11.97 -15.74 -47.00
C GLY D 156 -12.70 -16.75 -46.13
N TYR D 157 -11.98 -17.41 -45.22
CA TYR D 157 -12.47 -18.63 -44.55
C TYR D 157 -13.51 -18.46 -43.43
N PHE D 158 -14.63 -19.17 -43.54
CA PHE D 158 -15.45 -19.44 -42.37
C PHE D 158 -15.43 -20.95 -42.13
N PRO D 159 -15.40 -21.38 -40.85
CA PRO D 159 -15.28 -20.61 -39.62
C PRO D 159 -13.85 -20.63 -39.11
N GLU D 160 -13.64 -20.08 -37.91
CA GLU D 160 -12.37 -20.24 -37.23
C GLU D 160 -12.29 -21.66 -36.64
N PRO D 161 -11.07 -22.24 -36.60
CA PRO D 161 -9.82 -21.57 -36.89
C PRO D 161 -9.08 -22.15 -38.08
N VAL D 162 -7.91 -21.60 -38.41
CA VAL D 162 -6.96 -22.27 -39.27
C VAL D 162 -5.64 -22.38 -38.52
N THR D 163 -4.73 -23.23 -39.01
CA THR D 163 -3.36 -23.23 -38.52
C THR D 163 -2.41 -22.97 -39.68
N LEU D 164 -1.27 -22.37 -39.36
CA LEU D 164 -0.25 -22.02 -40.32
C LEU D 164 1.16 -22.14 -39.74
N THR D 165 1.92 -23.12 -40.22
CA THR D 165 3.37 -23.17 -39.99
C THR D 165 4.11 -22.79 -41.28
N TRP D 166 5.39 -23.16 -41.39
CA TRP D 166 6.22 -22.84 -42.58
C TRP D 166 6.88 -24.02 -43.33
N ASN D 167 8.11 -23.86 -43.82
CA ASN D 167 8.63 -24.74 -44.91
C ASN D 167 9.85 -25.64 -44.67
N SER D 168 9.63 -26.95 -44.82
CA SER D 168 10.65 -28.00 -44.63
C SER D 168 11.81 -27.60 -43.70
N GLY D 169 11.43 -27.07 -42.54
CA GLY D 169 12.34 -26.78 -41.43
C GLY D 169 13.50 -25.82 -41.65
N SER D 170 13.56 -25.17 -42.82
CA SER D 170 14.68 -24.27 -43.17
C SER D 170 14.76 -23.11 -42.20
N LEU D 171 15.91 -22.42 -42.22
CA LEU D 171 16.10 -21.20 -41.45
C LEU D 171 14.75 -20.64 -41.12
N SER D 172 14.33 -20.84 -39.87
CA SER D 172 13.08 -20.31 -39.34
C SER D 172 13.42 -19.23 -38.34
N SER D 173 14.29 -18.29 -38.73
CA SER D 173 14.81 -17.24 -37.85
C SER D 173 13.75 -16.20 -37.44
N GLY D 174 12.50 -16.66 -37.26
CA GLY D 174 11.41 -15.83 -36.76
C GLY D 174 10.08 -16.24 -37.38
N VAL D 175 8.98 -15.79 -36.77
CA VAL D 175 7.61 -16.00 -37.27
C VAL D 175 6.67 -15.12 -36.47
N HIS D 176 5.75 -14.43 -37.17
CA HIS D 176 4.68 -13.62 -36.56
C HIS D 176 3.33 -13.75 -37.31
N THR D 177 2.50 -14.73 -36.93
CA THR D 177 1.13 -14.87 -37.46
C THR D 177 0.10 -14.12 -36.60
N PHE D 178 -0.88 -13.45 -37.22
CA PHE D 178 -1.80 -12.48 -36.54
C PHE D 178 -3.22 -13.04 -36.25
N PRO D 179 -4.01 -12.37 -35.39
CA PRO D 179 -5.34 -12.93 -35.11
C PRO D 179 -6.41 -12.54 -36.15
N ALA D 180 -7.23 -13.51 -36.54
CA ALA D 180 -8.21 -13.36 -37.61
C ALA D 180 -9.06 -12.11 -37.46
N VAL D 181 -9.24 -11.39 -38.58
CA VAL D 181 -10.14 -10.24 -38.62
C VAL D 181 -11.34 -10.53 -39.51
N LEU D 182 -12.47 -9.90 -39.20
CA LEU D 182 -13.74 -10.13 -39.92
C LEU D 182 -14.11 -8.89 -40.71
N GLN D 183 -14.43 -9.09 -41.98
CA GLN D 183 -14.91 -8.04 -42.89
C GLN D 183 -15.44 -8.72 -44.15
N SER D 184 -16.30 -8.02 -44.89
CA SER D 184 -17.12 -8.64 -45.94
C SER D 184 -17.81 -9.91 -45.41
N ASP D 185 -17.97 -9.95 -44.08
CA ASP D 185 -18.59 -11.06 -43.31
C ASP D 185 -17.86 -12.39 -43.50
N LEU D 186 -16.53 -12.31 -43.48
CA LEU D 186 -15.61 -13.44 -43.74
C LEU D 186 -14.26 -13.18 -43.02
N TYR D 187 -13.52 -14.25 -42.71
CA TYR D 187 -12.30 -14.09 -41.91
C TYR D 187 -11.03 -13.97 -42.74
N THR D 188 -10.41 -12.80 -42.70
CA THR D 188 -9.06 -12.68 -43.25
C THR D 188 -8.09 -12.64 -42.08
N LEU D 189 -6.83 -12.99 -42.35
CA LEU D 189 -5.82 -13.20 -41.32
C LEU D 189 -4.50 -13.47 -42.04
N SER D 190 -3.42 -12.90 -41.52
CA SER D 190 -2.09 -12.89 -42.17
C SER D 190 -1.03 -13.73 -41.43
N SER D 191 0.26 -13.52 -41.74
CA SER D 191 1.38 -14.34 -41.21
C SER D 191 2.76 -14.04 -41.85
N SER D 192 3.72 -13.61 -41.02
CA SER D 192 5.12 -13.38 -41.46
C SER D 192 6.20 -14.32 -40.86
N VAL D 193 7.38 -14.26 -41.47
CA VAL D 193 8.57 -15.05 -41.15
C VAL D 193 9.79 -14.22 -41.58
N THR D 194 10.76 -14.06 -40.68
CA THR D 194 11.83 -13.06 -40.84
C THR D 194 13.24 -13.67 -40.75
N VAL D 195 14.20 -13.01 -41.41
CA VAL D 195 15.65 -13.27 -41.29
C VAL D 195 16.34 -11.91 -41.55
N THR D 196 17.66 -11.89 -41.77
CA THR D 196 18.31 -10.72 -42.36
C THR D 196 19.19 -11.10 -43.57
N SER D 197 18.52 -11.39 -44.70
CA SER D 197 19.15 -11.84 -45.96
C SER D 197 20.35 -12.76 -45.81
N SER D 198 20.05 -14.07 -45.73
CA SER D 198 21.07 -15.11 -45.57
C SER D 198 20.79 -16.34 -46.45
N THR D 199 19.52 -16.74 -46.53
CA THR D 199 19.05 -17.87 -47.35
C THR D 199 17.96 -17.46 -48.37
N TRP D 200 17.17 -16.46 -48.00
CA TRP D 200 16.30 -15.74 -48.95
C TRP D 200 16.93 -14.36 -49.18
N PRO D 201 16.72 -13.74 -50.36
CA PRO D 201 15.78 -14.01 -51.44
C PRO D 201 16.20 -15.07 -52.48
N SER D 202 16.42 -16.31 -52.02
CA SER D 202 16.89 -17.39 -52.87
C SER D 202 16.06 -18.68 -52.81
N GLU D 203 15.85 -19.19 -51.59
CA GLU D 203 15.57 -20.62 -51.35
C GLU D 203 14.12 -21.04 -51.11
N SER D 204 13.93 -22.36 -50.96
CA SER D 204 12.63 -23.05 -51.06
C SER D 204 11.59 -22.57 -50.09
N ILE D 205 10.34 -22.94 -50.37
CA ILE D 205 9.19 -22.40 -49.64
C ILE D 205 7.94 -23.30 -49.62
N THR D 206 7.11 -23.06 -48.59
CA THR D 206 5.76 -23.60 -48.41
C THR D 206 5.13 -22.75 -47.30
N CYS D 207 3.83 -22.48 -47.42
CA CYS D 207 3.07 -21.76 -46.41
C CYS D 207 1.92 -22.66 -46.03
N ASN D 208 1.97 -23.21 -44.81
CA ASN D 208 1.12 -24.37 -44.47
C ASN D 208 -0.27 -24.04 -43.91
N VAL D 209 -1.29 -24.67 -44.49
CA VAL D 209 -2.67 -24.46 -44.08
C VAL D 209 -3.40 -25.81 -43.89
N ALA D 210 -4.51 -25.77 -43.15
CA ALA D 210 -5.22 -26.98 -42.75
C ALA D 210 -6.75 -26.90 -42.89
N HIS D 211 -7.35 -25.88 -42.27
CA HIS D 211 -8.82 -25.71 -42.21
C HIS D 211 -9.60 -27.02 -42.29
N PRO D 212 -9.65 -27.80 -41.19
CA PRO D 212 -10.32 -29.11 -41.20
C PRO D 212 -11.70 -29.12 -41.87
N ALA D 213 -12.61 -28.25 -41.43
CA ALA D 213 -13.95 -28.19 -42.04
C ALA D 213 -13.86 -27.58 -43.44
N SER D 214 -13.33 -28.36 -44.38
CA SER D 214 -13.06 -27.97 -45.78
C SER D 214 -11.80 -28.74 -46.24
N SER D 215 -10.88 -28.93 -45.28
CA SER D 215 -9.87 -29.98 -45.30
C SER D 215 -8.95 -29.93 -46.50
N THR D 216 -7.94 -29.07 -46.42
CA THR D 216 -6.98 -28.91 -47.51
C THR D 216 -5.60 -28.50 -46.99
N LYS D 217 -4.56 -28.84 -47.77
CA LYS D 217 -3.16 -28.54 -47.43
C LYS D 217 -2.25 -28.53 -48.67
N VAL D 218 -2.85 -28.56 -49.88
CA VAL D 218 -2.05 -28.56 -51.12
C VAL D 218 -1.55 -27.14 -51.42
N ASP D 219 -0.56 -26.72 -50.62
CA ASP D 219 -0.16 -25.32 -50.43
C ASP D 219 0.34 -24.53 -51.65
N LYS D 220 0.85 -23.33 -51.35
CA LYS D 220 1.51 -22.47 -52.33
C LYS D 220 2.81 -21.88 -51.77
N LYS D 221 3.84 -21.88 -52.62
CA LYS D 221 5.13 -21.27 -52.30
C LYS D 221 5.24 -19.98 -53.09
N ILE D 222 6.06 -19.05 -52.63
CA ILE D 222 6.09 -17.71 -53.25
C ILE D 222 6.70 -17.70 -54.65
N VAL D 223 6.23 -16.74 -55.45
CA VAL D 223 6.77 -16.42 -56.77
C VAL D 223 6.88 -14.89 -56.84
N PRO D 224 8.13 -14.36 -56.79
CA PRO D 224 8.47 -12.93 -56.88
C PRO D 224 8.49 -12.31 -58.30
N ARG D 225 9.69 -11.91 -58.74
CA ARG D 225 9.87 -11.04 -59.91
C ARG D 225 9.47 -11.70 -61.22
N ASP E 1 20.06 -2.42 14.19
CA ASP E 1 19.88 -0.95 13.90
C ASP E 1 20.61 -0.51 12.61
N ILE E 2 21.02 0.76 12.59
CA ILE E 2 21.81 1.44 11.54
C ILE E 2 22.07 2.81 12.16
N VAL E 3 23.32 3.19 12.35
CA VAL E 3 23.61 4.16 13.42
C VAL E 3 23.84 5.61 12.98
N MET E 4 23.13 6.50 13.66
CA MET E 4 23.16 7.93 13.42
C MET E 4 23.69 8.59 14.69
N THR E 5 24.90 9.11 14.62
CA THR E 5 25.51 9.75 15.79
C THR E 5 25.74 11.22 15.51
N GLN E 6 25.34 12.06 16.46
CA GLN E 6 25.46 13.52 16.41
C GLN E 6 26.43 14.03 17.46
N THR E 7 27.04 15.18 17.21
CA THR E 7 27.67 15.98 18.28
C THR E 7 27.61 17.46 17.93
N PRO E 8 27.24 18.32 18.90
CA PRO E 8 27.19 18.11 20.35
C PRO E 8 25.92 17.45 20.82
N LEU E 9 25.96 16.84 21.99
CA LEU E 9 24.80 16.10 22.50
C LEU E 9 23.99 16.88 23.53
N SER E 10 24.56 17.99 24.00
CA SER E 10 23.82 19.14 24.55
C SER E 10 24.51 20.42 24.08
N LEU E 11 23.80 21.28 23.32
CA LEU E 11 24.43 22.46 22.65
C LEU E 11 23.83 23.81 23.05
N PRO E 12 24.58 24.64 23.82
CA PRO E 12 24.12 25.92 24.33
C PRO E 12 24.59 27.15 23.53
N VAL E 13 23.73 28.16 23.41
CA VAL E 13 23.99 29.36 22.58
C VAL E 13 23.36 30.67 23.13
N SER E 14 23.64 31.79 22.47
CA SER E 14 22.88 33.03 22.68
C SER E 14 22.20 33.49 21.37
N LEU E 15 21.01 34.08 21.52
CA LEU E 15 20.22 34.48 20.37
C LEU E 15 21.01 35.44 19.49
N GLY E 16 21.25 35.02 18.25
CA GLY E 16 22.09 35.78 17.33
C GLY E 16 23.36 35.01 17.03
N ASP E 17 23.80 34.25 18.01
CA ASP E 17 24.99 33.41 17.94
C ASP E 17 24.66 32.21 17.01
N GLN E 18 25.66 31.74 16.26
CA GLN E 18 25.47 30.69 15.28
C GLN E 18 25.50 29.29 15.87
N ALA E 19 24.38 28.56 15.80
CA ALA E 19 24.39 27.14 16.15
C ALA E 19 25.09 26.38 15.04
N SER E 20 25.26 25.07 15.24
CA SER E 20 25.92 24.21 14.24
C SER E 20 26.01 22.78 14.77
N ILE E 21 25.35 21.85 14.10
CA ILE E 21 25.31 20.45 14.57
C ILE E 21 26.07 19.52 13.62
N SER E 22 26.52 18.38 14.12
CA SER E 22 27.08 17.34 13.27
C SER E 22 26.18 16.12 13.36
N CYS E 23 26.40 15.15 12.47
CA CYS E 23 25.67 13.88 12.47
C CYS E 23 26.29 12.91 11.47
N ARG E 24 27.27 12.12 11.92
CA ARG E 24 27.92 11.14 11.03
C ARG E 24 27.16 9.81 10.96
N SER E 25 27.74 8.81 10.28
CA SER E 25 27.01 7.60 9.87
C SER E 25 27.82 6.30 9.99
N SER E 26 27.14 5.21 10.36
CA SER E 26 27.78 3.89 10.69
C SER E 26 28.31 3.10 9.48
N GLN E 27 28.31 3.77 8.32
CA GLN E 27 28.55 3.21 6.97
C GLN E 27 27.67 4.14 6.12
N THR E 28 27.97 4.29 4.83
CA THR E 28 27.33 5.39 4.07
C THR E 28 25.79 5.33 4.04
N ILE E 29 25.15 6.42 3.65
CA ILE E 29 23.69 6.45 3.54
C ILE E 29 23.23 6.99 2.19
N LEU E 30 24.05 6.75 1.16
CA LEU E 30 23.67 7.06 -0.23
C LEU E 30 22.97 5.87 -0.87
N HIS E 31 21.72 6.10 -1.28
CA HIS E 31 20.86 5.09 -1.89
C HIS E 31 21.28 4.96 -3.35
N SER E 32 21.08 3.76 -3.89
CA SER E 32 21.42 3.38 -5.25
C SER E 32 20.60 4.13 -6.31
N ASN E 33 19.55 4.83 -5.88
CA ASN E 33 18.81 5.65 -6.83
C ASN E 33 19.64 6.88 -7.12
N GLY E 34 20.73 7.01 -6.38
CA GLY E 34 21.62 8.15 -6.43
C GLY E 34 21.60 8.79 -5.06
N ASN E 35 20.41 9.30 -4.68
CA ASN E 35 20.26 10.27 -3.59
C ASN E 35 20.58 9.78 -2.17
N THR E 36 20.50 10.73 -1.22
CA THR E 36 21.02 10.62 0.15
C THR E 36 20.01 11.18 1.11
N TYR E 37 19.15 10.33 1.64
CA TYR E 37 18.00 10.80 2.40
C TYR E 37 18.38 11.18 3.84
N LEU E 38 18.95 12.37 3.99
CA LEU E 38 19.27 12.94 5.30
C LEU E 38 18.32 14.08 5.59
N GLU E 39 17.33 13.78 6.41
CA GLU E 39 16.40 14.79 6.85
C GLU E 39 16.87 15.33 8.17
N TRP E 40 16.43 16.56 8.47
CA TRP E 40 16.68 17.21 9.74
C TRP E 40 15.33 17.65 10.27
N TYR E 41 14.89 17.04 11.38
CA TYR E 41 13.66 17.42 12.07
C TYR E 41 14.07 18.12 13.34
N LEU E 42 13.10 18.60 14.11
CA LEU E 42 13.28 19.46 15.27
C LEU E 42 12.07 19.30 16.18
N GLN E 43 12.24 19.38 17.51
CA GLN E 43 11.13 19.02 18.39
C GLN E 43 10.75 20.06 19.42
N LYS E 44 10.32 21.23 18.95
CA LYS E 44 9.96 22.31 19.89
C LYS E 44 9.20 21.73 21.10
N PRO E 45 9.52 22.24 22.31
CA PRO E 45 8.76 21.90 23.49
C PRO E 45 7.28 21.88 23.18
N GLY E 46 6.61 20.83 23.65
CA GLY E 46 5.17 20.68 23.53
C GLY E 46 4.66 20.33 22.14
N GLN E 47 5.58 20.00 21.24
CA GLN E 47 5.21 19.83 19.84
C GLN E 47 5.81 18.62 19.16
N SER E 48 5.18 18.22 18.06
CA SER E 48 5.76 17.24 17.17
C SER E 48 6.91 17.95 16.46
N PRO E 49 7.75 17.19 15.75
CA PRO E 49 8.65 17.78 14.76
C PRO E 49 7.88 17.94 13.42
N ASN E 50 8.16 18.88 12.51
CA ASN E 50 9.26 19.87 12.42
C ASN E 50 10.45 19.46 11.50
N LEU E 51 10.13 18.97 10.31
CA LEU E 51 11.13 18.75 9.26
C LEU E 51 11.80 20.07 8.84
N LEU E 52 13.03 19.97 8.29
CA LEU E 52 13.85 21.16 8.05
C LEU E 52 14.70 21.08 6.79
N ILE E 53 15.58 20.10 6.73
CA ILE E 53 16.48 19.94 5.61
C ILE E 53 16.42 18.52 5.13
N TYR E 54 15.87 18.28 3.93
CA TYR E 54 15.87 16.92 3.36
C TYR E 54 17.05 16.65 2.47
N LYS E 55 17.13 15.45 1.94
CA LYS E 55 18.33 14.96 1.28
C LYS E 55 19.52 15.85 1.53
N VAL E 56 20.08 15.75 2.74
CA VAL E 56 21.34 16.43 3.08
C VAL E 56 21.27 17.95 3.15
N SER E 57 20.86 18.61 2.06
CA SER E 57 21.02 20.07 1.95
C SER E 57 19.78 20.93 1.66
N LYS E 58 18.74 20.34 1.07
CA LYS E 58 17.61 21.14 0.60
C LYS E 58 16.83 21.64 1.80
N ARG E 59 16.03 22.67 1.61
CA ARG E 59 15.31 23.30 2.72
C ARG E 59 13.82 23.43 2.46
N PHE E 60 13.05 22.69 3.25
CA PHE E 60 11.59 22.67 3.24
C PHE E 60 10.94 24.05 3.29
N SER E 61 9.68 24.12 2.85
CA SER E 61 8.89 25.36 2.80
C SER E 61 8.51 25.88 4.17
N GLY E 62 8.80 27.16 4.42
CA GLY E 62 8.55 27.74 5.73
C GLY E 62 9.83 27.82 6.53
N VAL E 63 10.77 26.92 6.27
CA VAL E 63 12.05 26.93 6.95
C VAL E 63 12.87 28.10 6.42
N PRO E 64 13.02 29.18 7.24
CA PRO E 64 13.86 30.34 6.92
C PRO E 64 15.26 29.98 6.46
N ASP E 65 15.82 30.80 5.56
CA ASP E 65 17.19 30.65 5.01
C ASP E 65 18.30 30.77 6.08
N ARG E 66 17.92 30.64 7.35
CA ARG E 66 18.92 30.72 8.41
C ARG E 66 19.35 29.34 8.87
N PHE E 67 18.68 28.32 8.34
CA PHE E 67 19.09 26.93 8.47
C PHE E 67 19.78 26.44 7.21
N SER E 68 21.07 26.13 7.32
CA SER E 68 21.85 25.47 6.25
C SER E 68 22.09 24.02 6.65
N GLY E 69 22.21 23.15 5.65
CA GLY E 69 22.61 21.79 5.88
C GLY E 69 23.64 21.41 4.83
N SER E 70 24.73 20.79 5.25
CA SER E 70 25.79 20.35 4.34
C SER E 70 26.24 18.92 4.65
N GLY E 71 26.74 18.23 3.63
CA GLY E 71 27.38 16.92 3.82
C GLY E 71 27.35 15.99 2.62
N SER E 72 28.13 14.92 2.70
CA SER E 72 28.16 13.90 1.66
C SER E 72 28.29 12.50 2.28
N GLY E 73 27.98 11.49 1.47
CA GLY E 73 28.15 10.08 1.84
C GLY E 73 27.91 9.71 3.30
N THR E 74 28.98 9.81 4.09
CA THR E 74 28.94 9.41 5.49
C THR E 74 28.66 10.60 6.40
N ASP E 75 29.62 11.51 6.54
CA ASP E 75 29.57 12.59 7.55
C ASP E 75 28.75 13.83 7.10
N PHE E 76 28.00 14.44 8.03
CA PHE E 76 27.00 15.49 7.75
C PHE E 76 26.96 16.62 8.77
N THR E 77 26.54 17.82 8.32
CA THR E 77 26.32 18.99 9.24
C THR E 77 25.00 19.80 9.05
N LEU E 78 24.69 20.68 10.01
CA LEU E 78 23.48 21.55 10.03
C LEU E 78 23.78 22.90 10.66
N LYS E 79 23.95 23.94 9.84
CA LYS E 79 24.20 25.29 10.34
C LYS E 79 22.93 25.99 10.75
N ILE E 80 23.04 26.89 11.73
CA ILE E 80 22.00 27.89 12.04
C ILE E 80 22.71 29.23 12.13
N SER E 81 22.31 30.18 11.29
CA SER E 81 23.09 31.43 11.14
C SER E 81 22.59 32.52 12.07
N ARG E 82 21.60 32.16 12.88
CA ARG E 82 21.03 33.09 13.85
C ARG E 82 20.08 32.30 14.73
N VAL E 83 20.52 31.96 15.93
CA VAL E 83 19.58 31.32 16.86
C VAL E 83 18.62 32.37 17.38
N GLU E 84 17.34 32.15 17.10
CA GLU E 84 16.24 32.93 17.66
C GLU E 84 15.58 32.00 18.68
N ALA E 85 14.26 32.10 18.89
CA ALA E 85 13.63 31.34 19.97
C ALA E 85 12.64 30.27 19.53
N GLU E 86 12.22 30.30 18.28
CA GLU E 86 11.52 29.16 17.72
C GLU E 86 12.54 28.03 17.55
N ASP E 87 13.80 28.41 17.31
CA ASP E 87 14.90 27.46 17.13
C ASP E 87 15.36 26.88 18.45
N LEU E 88 14.43 26.34 19.24
CA LEU E 88 14.78 25.98 20.61
C LEU E 88 14.15 24.67 20.98
N GLY E 89 15.01 23.70 21.27
CA GLY E 89 14.59 22.32 21.48
C GLY E 89 15.58 21.35 20.91
N VAL E 90 15.08 20.15 20.57
CA VAL E 90 15.89 18.98 20.25
C VAL E 90 15.89 18.69 18.76
N TYR E 91 17.06 18.82 18.14
CA TYR E 91 17.28 18.56 16.72
C TYR E 91 17.74 17.13 16.41
N TYR E 92 16.93 16.35 15.68
CA TYR E 92 17.34 14.99 15.28
C TYR E 92 17.74 14.93 13.80
N CYS E 93 18.63 13.99 13.46
CA CYS E 93 18.93 13.60 12.06
C CYS E 93 18.32 12.22 11.73
N PHE E 94 18.08 11.96 10.43
CA PHE E 94 17.26 10.83 9.98
C PHE E 94 17.85 10.11 8.75
N GLN E 95 17.38 8.90 8.45
CA GLN E 95 17.90 8.16 7.29
C GLN E 95 16.84 7.36 6.53
N GLY E 96 16.68 7.68 5.25
CA GLY E 96 15.68 7.07 4.38
C GLY E 96 16.22 6.03 3.41
N SER E 97 17.47 5.60 3.55
CA SER E 97 17.92 4.45 2.73
C SER E 97 17.87 3.11 3.49
N ARG E 98 18.50 3.06 4.68
CA ARG E 98 18.76 1.78 5.34
C ARG E 98 17.59 1.40 6.24
N VAL E 99 17.06 0.20 6.00
CA VAL E 99 16.11 -0.46 6.92
C VAL E 99 16.89 -1.02 8.13
N PRO E 100 16.39 -0.75 9.35
CA PRO E 100 15.25 0.10 9.62
C PRO E 100 15.60 1.58 9.53
N LEU E 101 14.55 2.39 9.40
CA LEU E 101 14.71 3.82 9.46
C LEU E 101 14.97 4.11 10.92
N THR E 102 16.05 4.84 11.17
CA THR E 102 16.49 5.10 12.53
C THR E 102 17.03 6.50 12.67
N PHE E 103 16.61 7.17 13.73
CA PHE E 103 16.89 8.58 13.93
C PHE E 103 18.29 8.77 14.49
N GLY E 104 18.58 9.98 14.98
CA GLY E 104 19.78 10.22 15.74
C GLY E 104 19.32 9.99 17.15
N ALA E 105 19.73 10.86 18.07
CA ALA E 105 19.31 10.80 19.45
C ALA E 105 18.70 12.12 19.87
N GLY E 106 19.02 13.16 19.08
CA GLY E 106 18.59 14.53 19.34
C GLY E 106 19.74 15.38 19.87
N THR E 107 19.70 16.67 19.57
CA THR E 107 20.61 17.63 20.18
C THR E 107 19.80 18.74 20.86
N LYS E 108 19.89 18.80 22.18
CA LYS E 108 19.21 19.83 22.93
C LYS E 108 19.93 21.14 22.68
N LEU E 109 19.30 22.02 21.90
CA LEU E 109 19.85 23.35 21.68
C LEU E 109 19.38 24.25 22.80
N GLU E 110 20.21 24.43 23.81
CA GLU E 110 19.76 25.22 24.96
C GLU E 110 20.47 26.56 25.07
N LEU E 111 19.77 27.49 25.70
CA LEU E 111 20.12 28.89 25.78
C LEU E 111 21.27 29.13 26.79
N LYS E 112 22.51 28.94 26.33
CA LYS E 112 23.68 29.30 27.12
C LYS E 112 23.47 30.61 27.84
N ARG E 113 23.17 30.53 29.15
CA ARG E 113 23.11 31.72 30.01
C ARG E 113 24.36 31.83 30.90
N ALA E 114 24.26 32.51 32.04
CA ALA E 114 25.37 32.56 33.01
C ALA E 114 24.98 32.04 34.40
N ASP E 115 25.99 31.56 35.13
CA ASP E 115 25.83 30.79 36.37
C ASP E 115 24.86 31.29 37.40
N ALA E 116 24.09 30.35 37.95
CA ALA E 116 23.43 30.53 39.23
C ALA E 116 23.92 29.41 40.14
N ALA E 117 23.72 29.57 41.45
CA ALA E 117 24.09 28.56 42.44
C ALA E 117 22.82 28.10 43.14
N PRO E 118 22.71 26.78 43.44
CA PRO E 118 21.40 26.16 43.74
C PRO E 118 20.74 26.67 45.01
N THR E 119 19.41 26.74 45.00
CA THR E 119 18.65 27.09 46.20
C THR E 119 18.17 25.80 46.84
N VAL E 120 19.09 25.14 47.54
CA VAL E 120 18.80 23.88 48.22
C VAL E 120 17.84 24.13 49.38
N SER E 121 16.84 23.25 49.50
CA SER E 121 15.88 23.28 50.59
C SER E 121 15.50 21.86 51.02
N ILE E 122 15.45 21.64 52.33
CA ILE E 122 15.09 20.32 52.91
C ILE E 122 13.71 20.36 53.59
N PHE E 123 12.91 19.31 53.36
CA PHE E 123 11.57 19.19 53.93
C PHE E 123 11.38 17.83 54.62
N PRO E 124 11.53 17.79 55.96
CA PRO E 124 11.19 16.59 56.75
C PRO E 124 9.69 16.31 56.70
N PRO E 125 9.31 15.05 56.41
CA PRO E 125 7.98 14.57 55.95
C PRO E 125 6.75 15.09 56.71
N SER E 126 5.56 14.74 56.24
CA SER E 126 4.34 15.32 56.79
C SER E 126 3.79 14.48 57.92
N SER E 127 2.90 15.08 58.71
CA SER E 127 2.11 14.32 59.66
C SER E 127 1.26 13.33 58.87
N GLU E 128 0.35 13.86 58.05
CA GLU E 128 -0.62 13.03 57.32
C GLU E 128 0.02 11.88 56.55
N GLN E 129 1.29 12.03 56.20
CA GLN E 129 2.07 10.91 55.69
C GLN E 129 2.48 9.99 56.85
N LEU E 130 3.00 10.56 57.93
CA LEU E 130 3.58 9.79 59.03
C LEU E 130 2.51 9.08 59.86
N THR E 131 1.54 8.58 59.12
CA THR E 131 0.44 7.77 59.59
C THR E 131 0.18 6.79 58.44
N SER E 132 -0.22 7.35 57.30
CA SER E 132 -0.38 6.61 56.04
C SER E 132 0.86 5.76 55.84
N GLY E 133 1.99 6.25 56.34
CA GLY E 133 3.14 5.39 56.61
C GLY E 133 4.21 5.31 55.55
N GLY E 134 5.01 6.37 55.46
CA GLY E 134 6.18 6.37 54.59
C GLY E 134 6.99 7.58 54.93
N ALA E 135 8.28 7.39 55.16
CA ALA E 135 9.17 8.51 55.48
C ALA E 135 9.84 8.99 54.20
N SER E 136 9.28 10.06 53.64
CA SER E 136 9.74 10.64 52.39
C SER E 136 10.29 12.04 52.69
N VAL E 137 11.61 12.15 52.82
CA VAL E 137 12.29 13.43 53.12
C VAL E 137 12.76 14.10 51.82
N VAL E 138 12.42 15.37 51.63
CA VAL E 138 12.56 15.99 50.29
C VAL E 138 13.50 17.19 50.22
N CYS E 139 14.54 17.07 49.39
CA CYS E 139 15.45 18.18 49.04
C CYS E 139 15.02 18.75 47.66
N PHE E 140 14.60 20.02 47.65
CA PHE E 140 14.23 20.73 46.43
C PHE E 140 15.31 21.70 46.00
N LEU E 141 16.05 21.34 44.97
CA LEU E 141 17.04 22.22 44.36
C LEU E 141 16.38 23.09 43.29
N ASN E 142 16.62 24.39 43.36
CA ASN E 142 16.01 25.36 42.46
C ASN E 142 17.07 26.32 41.91
N ASN E 143 16.83 26.79 40.68
CA ASN E 143 17.64 27.76 39.92
C ASN E 143 19.16 27.72 40.02
N PHE E 144 19.80 26.94 39.15
CA PHE E 144 21.26 26.87 39.06
C PHE E 144 21.75 26.67 37.60
N TYR E 145 22.89 27.27 37.27
CA TYR E 145 23.54 27.05 35.97
C TYR E 145 25.04 26.84 36.13
N PRO E 146 25.62 25.89 35.37
CA PRO E 146 25.03 25.00 34.36
C PRO E 146 23.98 24.01 34.91
N LYS E 147 24.27 22.72 34.78
CA LYS E 147 23.26 21.67 34.96
C LYS E 147 23.83 20.34 35.44
N ASP E 148 25.16 20.24 35.50
CA ASP E 148 25.86 18.97 35.73
C ASP E 148 25.96 18.58 37.21
N ILE E 149 24.87 18.83 37.96
CA ILE E 149 24.78 18.69 39.43
C ILE E 149 24.94 17.26 40.01
N ASN E 150 25.54 17.18 41.21
CA ASN E 150 25.63 15.94 42.01
C ASN E 150 24.93 16.06 43.37
N VAL E 151 24.06 15.09 43.65
CA VAL E 151 23.30 15.02 44.90
C VAL E 151 23.51 13.66 45.58
N LYS E 152 23.55 13.66 46.92
CA LYS E 152 23.55 12.39 47.68
C LYS E 152 23.16 12.48 49.14
N TRP E 153 22.41 11.47 49.57
CA TRP E 153 22.13 11.19 50.97
C TRP E 153 22.80 9.84 51.31
N LYS E 154 24.10 9.84 51.61
CA LYS E 154 24.84 8.58 51.77
C LYS E 154 24.41 7.79 53.02
N ILE E 155 23.56 6.78 52.81
CA ILE E 155 22.87 6.10 53.91
C ILE E 155 23.74 5.04 54.62
N ASP E 156 23.60 4.99 55.95
CA ASP E 156 24.60 4.33 56.79
C ASP E 156 24.03 3.19 57.62
N GLY E 157 24.94 2.39 58.19
CA GLY E 157 24.60 1.10 58.78
C GLY E 157 25.17 0.05 57.85
N SER E 158 24.48 -0.16 56.73
CA SER E 158 25.04 -0.84 55.56
C SER E 158 24.39 -0.28 54.30
N GLU E 159 23.06 -0.15 54.35
CA GLU E 159 22.25 0.34 53.22
C GLU E 159 22.91 1.50 52.49
N ARG E 160 22.87 1.47 51.17
CA ARG E 160 23.66 2.42 50.42
C ARG E 160 22.87 3.33 49.50
N GLN E 161 23.14 3.27 48.19
CA GLN E 161 22.44 4.10 47.20
C GLN E 161 20.96 4.06 47.55
N ASN E 162 20.31 2.96 47.16
CA ASN E 162 18.90 2.73 47.45
C ASN E 162 18.19 3.99 47.91
N GLY E 163 17.60 4.68 46.94
CA GLY E 163 16.87 5.94 47.17
C GLY E 163 16.87 6.86 45.95
N VAL E 164 17.25 6.31 44.80
CA VAL E 164 17.39 7.09 43.54
C VAL E 164 16.07 7.65 42.99
N LEU E 165 15.30 8.32 43.86
CA LEU E 165 14.11 9.08 43.47
C LEU E 165 14.46 10.54 43.11
N ASN E 166 15.39 10.69 42.17
CA ASN E 166 15.70 11.97 41.56
C ASN E 166 14.73 12.32 40.42
N SER E 167 14.91 13.51 39.86
CA SER E 167 14.10 13.96 38.73
C SER E 167 14.62 15.29 38.24
N TRP E 168 14.46 15.55 36.94
CA TRP E 168 14.91 16.80 36.34
C TRP E 168 13.81 17.56 35.61
N THR E 169 13.95 18.88 35.67
CA THR E 169 13.12 19.88 34.98
C THR E 169 13.92 20.40 33.77
N ASP E 170 13.25 21.17 32.91
CA ASP E 170 13.88 21.85 31.78
C ASP E 170 14.33 23.24 32.16
N GLN E 171 14.90 23.98 31.20
CA GLN E 171 15.30 25.38 31.39
C GLN E 171 14.13 26.30 31.65
N ASP E 172 14.21 27.10 32.72
CA ASP E 172 13.05 27.87 33.21
C ASP E 172 12.74 29.08 32.34
N SER E 173 11.60 29.00 31.64
CA SER E 173 11.11 30.06 30.77
C SER E 173 11.60 31.46 31.16
N LYS E 174 11.60 31.76 32.46
CA LYS E 174 11.86 33.12 32.95
C LYS E 174 13.33 33.47 33.08
N ASP E 175 14.16 32.51 33.49
CA ASP E 175 15.60 32.78 33.59
C ASP E 175 16.47 31.61 33.10
N SER E 176 15.86 30.72 32.34
CA SER E 176 16.57 29.58 31.76
C SER E 176 17.56 28.92 32.75
N THR E 177 17.02 28.51 33.91
CA THR E 177 17.77 27.81 34.95
C THR E 177 17.07 26.50 35.30
N TYR E 178 17.69 25.40 34.89
CA TYR E 178 17.30 24.05 35.28
C TYR E 178 17.15 23.94 36.79
N SER E 179 16.31 23.00 37.21
CA SER E 179 16.12 22.68 38.63
C SER E 179 16.13 21.17 38.80
N MET E 180 15.61 20.68 39.92
CA MET E 180 15.69 19.26 40.29
C MET E 180 14.97 18.98 41.61
N SER E 181 14.53 17.72 41.78
CA SER E 181 14.08 17.21 43.07
C SER E 181 14.65 15.83 43.36
N SER E 182 15.30 15.71 44.52
CA SER E 182 15.72 14.42 45.07
C SER E 182 14.74 14.04 46.20
N THR E 183 14.47 12.74 46.36
CA THR E 183 13.51 12.28 47.37
C THR E 183 13.97 10.98 48.05
N LEU E 184 13.73 10.90 49.36
CA LEU E 184 14.15 9.73 50.13
C LEU E 184 12.96 9.04 50.74
N THR E 185 12.81 7.78 50.40
CA THR E 185 11.64 7.03 50.80
C THR E 185 12.01 5.81 51.64
N LEU E 186 11.44 5.74 52.84
CA LEU E 186 11.61 4.58 53.71
C LEU E 186 10.36 4.37 54.53
N THR E 187 10.18 3.12 54.97
CA THR E 187 9.18 2.76 55.96
C THR E 187 9.52 3.44 57.28
N LYS E 188 8.49 3.93 57.97
CA LYS E 188 8.61 4.55 59.30
C LYS E 188 9.32 3.63 60.32
N ASP E 189 9.63 2.42 59.87
CA ASP E 189 10.39 1.42 60.62
C ASP E 189 11.87 1.79 60.66
N GLU E 190 12.38 2.32 59.54
CA GLU E 190 13.81 2.56 59.37
C GLU E 190 14.19 3.95 59.84
N TYR E 191 13.16 4.73 60.17
CA TYR E 191 13.27 6.10 60.64
C TYR E 191 13.99 6.22 62.00
N GLU E 192 14.64 5.13 62.43
CA GLU E 192 15.15 5.04 63.82
C GLU E 192 16.62 4.66 63.94
N ARG E 193 16.94 3.37 63.83
CA ARG E 193 18.34 2.94 63.72
C ARG E 193 18.79 2.82 62.27
N HIS E 194 19.60 3.81 61.88
CA HIS E 194 20.05 4.15 60.51
C HIS E 194 20.16 5.67 60.59
N ASN E 195 21.38 6.20 60.46
CA ASN E 195 21.59 7.65 60.68
C ASN E 195 22.48 8.41 59.67
N SER E 196 22.88 9.63 60.04
CA SER E 196 23.64 10.55 59.20
C SER E 196 22.83 11.00 57.99
N TYR E 197 22.82 10.13 56.96
CA TYR E 197 22.13 10.35 55.70
C TYR E 197 22.75 11.40 54.80
N THR E 198 22.52 12.67 55.15
CA THR E 198 22.93 13.87 54.38
C THR E 198 21.94 14.27 53.26
N CYS E 199 21.94 15.54 52.84
CA CYS E 199 21.54 15.95 51.46
C CYS E 199 22.72 16.73 50.83
N GLU E 200 23.90 16.10 50.79
CA GLU E 200 25.11 16.77 50.31
C GLU E 200 24.99 17.00 48.80
N ALA E 201 24.83 18.25 48.44
CA ALA E 201 24.68 18.69 47.06
C ALA E 201 25.99 19.32 46.59
N THR E 202 26.27 19.17 45.30
CA THR E 202 27.54 19.59 44.72
C THR E 202 27.31 20.32 43.38
N HIS E 203 27.78 21.57 43.31
CA HIS E 203 27.79 22.32 42.05
C HIS E 203 29.15 22.99 41.88
N LYS E 204 29.50 23.31 40.62
CA LYS E 204 30.81 23.83 40.26
C LYS E 204 31.07 25.20 40.88
N THR E 205 30.00 25.92 41.20
CA THR E 205 30.11 27.29 41.70
C THR E 205 31.19 27.30 42.79
N SER E 206 31.06 26.39 43.75
CA SER E 206 32.15 26.05 44.65
C SER E 206 32.51 24.57 44.52
N THR E 207 33.58 24.16 45.19
CA THR E 207 33.83 22.74 45.40
C THR E 207 33.70 22.42 46.91
N SER E 208 33.06 23.36 47.62
CA SER E 208 32.77 23.27 49.05
C SER E 208 31.27 23.02 49.26
N PRO E 209 30.88 21.72 49.31
CA PRO E 209 29.51 21.17 49.19
C PRO E 209 28.40 21.83 50.00
N ILE E 210 27.16 21.69 49.51
CA ILE E 210 25.97 22.34 50.08
C ILE E 210 25.26 21.47 51.13
N VAL E 211 25.93 21.27 52.26
CA VAL E 211 25.46 20.39 53.31
C VAL E 211 24.09 20.82 53.85
N LYS E 212 23.14 19.90 53.77
CA LYS E 212 21.89 19.97 54.51
C LYS E 212 21.49 18.53 54.86
N SER E 213 22.09 18.00 55.93
CA SER E 213 21.97 16.58 56.28
C SER E 213 20.64 16.26 56.95
N PHE E 214 20.21 15.01 56.82
CA PHE E 214 18.98 14.53 57.47
C PHE E 214 19.19 14.28 58.98
N ASN E 215 18.50 15.10 59.78
CA ASN E 215 18.66 15.11 61.22
C ASN E 215 17.71 14.14 61.93
N ARG E 216 18.21 12.95 62.30
CA ARG E 216 17.47 12.13 63.25
C ARG E 216 17.65 12.75 64.63
N ASN E 217 16.61 12.61 65.46
CA ASN E 217 16.59 13.11 66.82
C ASN E 217 16.97 14.60 66.94
N GLU E 218 15.93 15.43 67.03
CA GLU E 218 16.10 16.89 66.95
C GLU E 218 16.26 17.57 68.30
N ASP F 1 -26.92 -3.03 -16.43
CA ASP F 1 -25.53 -3.51 -16.14
C ASP F 1 -25.01 -2.86 -14.85
N ILE F 2 -23.89 -3.35 -14.32
CA ILE F 2 -23.13 -2.59 -13.32
C ILE F 2 -21.63 -2.60 -13.64
N VAL F 3 -20.93 -1.56 -13.18
CA VAL F 3 -19.58 -1.26 -13.62
C VAL F 3 -18.52 -1.40 -12.50
N MET F 4 -17.41 -2.06 -12.83
CA MET F 4 -16.21 -2.16 -11.99
C MET F 4 -15.06 -1.51 -12.75
N THR F 5 -14.16 -0.85 -12.03
CA THR F 5 -13.13 -0.04 -12.67
C THR F 5 -11.71 -0.47 -12.29
N GLN F 6 -10.85 -0.65 -13.30
CA GLN F 6 -9.49 -1.08 -13.09
C GLN F 6 -8.48 0.05 -13.31
N THR F 7 -7.37 -0.02 -12.59
CA THR F 7 -6.28 0.89 -12.73
C THR F 7 -5.05 0.08 -12.35
N PRO F 8 -4.12 -0.17 -13.31
CA PRO F 8 -4.09 0.17 -14.73
C PRO F 8 -4.84 -0.84 -15.57
N LEU F 9 -5.03 -0.56 -16.86
CA LEU F 9 -5.61 -1.56 -17.74
C LEU F 9 -4.50 -2.39 -18.38
N SER F 10 -3.27 -1.89 -18.28
CA SER F 10 -2.06 -2.60 -18.70
C SER F 10 -0.88 -2.15 -17.84
N LEU F 11 -0.28 -3.11 -17.12
CA LEU F 11 0.87 -2.85 -16.25
C LEU F 11 2.03 -3.75 -16.65
N PRO F 12 2.97 -3.22 -17.46
CA PRO F 12 4.09 -4.05 -17.87
C PRO F 12 5.27 -3.92 -16.90
N VAL F 13 5.92 -5.05 -16.59
CA VAL F 13 7.13 -5.07 -15.77
C VAL F 13 8.07 -6.25 -16.04
N SER F 14 9.28 -6.17 -15.51
CA SER F 14 10.24 -7.25 -15.64
C SER F 14 10.23 -8.16 -14.42
N LEU F 15 10.91 -9.30 -14.52
CA LEU F 15 10.78 -10.33 -13.49
C LEU F 15 11.35 -9.94 -12.14
N GLY F 16 10.60 -10.27 -11.08
CA GLY F 16 11.01 -9.97 -9.70
C GLY F 16 10.69 -8.55 -9.28
N ASP F 17 10.00 -7.85 -10.17
CA ASP F 17 9.64 -6.46 -9.94
C ASP F 17 8.27 -6.54 -9.26
N GLN F 18 8.13 -5.85 -8.14
CA GLN F 18 6.86 -5.76 -7.42
C GLN F 18 5.75 -5.22 -8.34
N ALA F 19 4.54 -5.80 -8.29
CA ALA F 19 3.37 -5.24 -8.99
C ALA F 19 2.14 -5.10 -8.09
N SER F 20 1.13 -4.34 -8.54
CA SER F 20 -0.10 -4.03 -7.77
C SER F 20 -1.20 -3.29 -8.56
N ILE F 21 -2.43 -3.82 -8.52
CA ILE F 21 -3.59 -3.25 -9.25
C ILE F 21 -4.76 -2.83 -8.31
N SER F 22 -5.76 -2.12 -8.85
CA SER F 22 -6.85 -1.62 -8.02
C SER F 22 -8.20 -1.58 -8.76
N CYS F 23 -9.26 -1.87 -8.01
CA CYS F 23 -10.60 -1.94 -8.56
C CYS F 23 -11.48 -1.16 -7.60
N ARG F 24 -12.36 -0.32 -8.15
CA ARG F 24 -13.40 0.32 -7.33
C ARG F 24 -14.80 0.12 -7.91
N SER F 25 -15.64 -0.47 -7.08
CA SER F 25 -17.04 -0.73 -7.38
C SER F 25 -17.86 0.55 -7.37
N SER F 26 -18.35 0.95 -8.55
CA SER F 26 -19.14 2.20 -8.71
C SER F 26 -19.97 2.62 -7.49
N GLN F 27 -20.53 1.65 -6.78
CA GLN F 27 -21.20 1.86 -5.48
C GLN F 27 -21.01 0.60 -4.60
N THR F 28 -20.92 0.78 -3.28
CA THR F 28 -20.42 -0.27 -2.37
C THR F 28 -20.90 -1.70 -2.64
N ILE F 29 -19.97 -2.63 -2.56
CA ILE F 29 -20.30 -4.02 -2.57
C ILE F 29 -20.07 -4.68 -1.18
N LEU F 30 -20.97 -4.35 -0.24
CA LEU F 30 -20.98 -4.97 1.08
C LEU F 30 -22.35 -5.54 1.30
N HIS F 31 -22.42 -6.86 1.17
CA HIS F 31 -23.68 -7.58 1.04
C HIS F 31 -24.44 -7.62 2.36
N SER F 32 -25.76 -7.47 2.26
CA SER F 32 -26.64 -7.38 3.43
C SER F 32 -26.22 -8.38 4.53
N ASN F 33 -25.90 -9.62 4.15
CA ASN F 33 -25.48 -10.60 5.17
C ASN F 33 -24.19 -10.20 5.87
N GLY F 34 -23.52 -9.19 5.34
CA GLY F 34 -22.42 -8.52 6.05
C GLY F 34 -21.11 -8.51 5.32
N ASN F 35 -20.90 -9.51 4.46
CA ASN F 35 -19.61 -9.73 3.80
C ASN F 35 -19.52 -9.03 2.45
N THR F 36 -18.32 -9.04 1.87
CA THR F 36 -17.98 -8.25 0.69
C THR F 36 -17.59 -9.11 -0.50
N TYR F 37 -18.52 -9.87 -1.05
CA TYR F 37 -18.20 -10.88 -2.05
C TYR F 37 -17.56 -10.31 -3.31
N LEU F 38 -16.26 -10.04 -3.19
CA LEU F 38 -15.41 -9.58 -4.27
C LEU F 38 -14.28 -10.59 -4.51
N GLU F 39 -13.98 -10.83 -5.79
CA GLU F 39 -12.98 -11.83 -6.13
C GLU F 39 -11.96 -11.29 -7.10
N TRP F 40 -10.83 -11.98 -7.17
CA TRP F 40 -9.73 -11.55 -7.98
C TRP F 40 -9.32 -12.65 -8.90
N TYR F 41 -9.57 -12.43 -10.18
CA TYR F 41 -9.43 -13.52 -11.13
C TYR F 41 -8.23 -13.29 -12.03
N LEU F 42 -7.87 -14.29 -12.82
CA LEU F 42 -6.67 -14.21 -13.68
C LEU F 42 -6.77 -15.11 -14.91
N GLN F 43 -6.40 -14.57 -16.07
CA GLN F 43 -6.37 -15.36 -17.30
C GLN F 43 -4.98 -15.51 -17.87
N LYS F 44 -4.25 -16.51 -17.35
CA LYS F 44 -2.94 -16.91 -17.86
C LYS F 44 -3.09 -17.10 -19.37
N PRO F 45 -1.99 -16.94 -20.15
CA PRO F 45 -2.23 -16.89 -21.58
C PRO F 45 -2.69 -18.25 -22.12
N GLY F 46 -3.69 -18.23 -22.98
CA GLY F 46 -4.23 -19.44 -23.59
C GLY F 46 -4.88 -20.46 -22.66
N GLN F 47 -5.45 -20.02 -21.55
CA GLN F 47 -6.17 -20.95 -20.66
C GLN F 47 -7.08 -20.19 -19.70
N SER F 48 -7.97 -20.90 -19.01
CA SER F 48 -9.07 -20.32 -18.20
C SER F 48 -8.67 -19.37 -17.08
N PRO F 49 -9.68 -18.79 -16.38
CA PRO F 49 -9.51 -18.19 -15.06
C PRO F 49 -10.14 -19.14 -14.02
N ASN F 50 -9.58 -19.39 -12.83
CA ASN F 50 -8.34 -18.88 -12.17
C ASN F 50 -8.59 -17.83 -11.06
N LEU F 51 -9.39 -18.24 -10.07
CA LEU F 51 -9.60 -17.48 -8.83
C LEU F 51 -8.32 -17.44 -8.01
N LEU F 52 -8.20 -16.41 -7.19
CA LEU F 52 -6.99 -16.17 -6.41
C LEU F 52 -7.35 -15.83 -4.96
N ILE F 53 -8.29 -14.90 -4.78
CA ILE F 53 -8.63 -14.28 -3.51
C ILE F 53 -10.13 -14.00 -3.44
N TYR F 54 -10.79 -14.46 -2.37
CA TYR F 54 -12.23 -14.26 -2.18
C TYR F 54 -12.55 -13.45 -0.93
N LYS F 55 -13.72 -12.80 -0.91
CA LYS F 55 -14.16 -12.03 0.26
C LYS F 55 -13.20 -10.90 0.63
N VAL F 56 -12.89 -10.04 -0.34
CA VAL F 56 -11.78 -9.08 -0.22
C VAL F 56 -10.40 -9.77 -0.20
N SER F 57 -10.13 -10.61 0.81
CA SER F 57 -8.73 -10.93 1.15
C SER F 57 -8.30 -12.36 1.56
N LYS F 58 -9.20 -13.33 1.49
CA LYS F 58 -8.81 -14.71 1.80
C LYS F 58 -8.36 -15.41 0.52
N ARG F 59 -7.15 -15.94 0.56
CA ARG F 59 -6.48 -16.46 -0.61
C ARG F 59 -6.72 -17.95 -0.81
N PHE F 60 -7.07 -18.31 -2.06
CA PHE F 60 -7.67 -19.60 -2.39
C PHE F 60 -6.60 -20.70 -2.46
N SER F 61 -7.05 -21.94 -2.69
CA SER F 61 -6.23 -23.14 -2.64
C SER F 61 -4.95 -23.10 -3.49
N GLY F 62 -3.79 -23.15 -2.81
CA GLY F 62 -2.51 -23.31 -3.47
C GLY F 62 -1.90 -22.05 -4.08
N VAL F 63 -2.62 -20.92 -3.99
CA VAL F 63 -2.10 -19.63 -4.49
C VAL F 63 -1.14 -19.07 -3.46
N PRO F 64 0.15 -18.85 -3.84
CA PRO F 64 1.27 -18.44 -2.96
C PRO F 64 1.00 -17.29 -1.98
N ASP F 65 1.65 -17.31 -0.82
CA ASP F 65 1.60 -16.21 0.19
C ASP F 65 1.99 -14.83 -0.38
N ARG F 66 2.29 -14.80 -1.67
CA ARG F 66 2.84 -13.62 -2.35
C ARG F 66 1.76 -12.76 -2.98
N PHE F 67 0.60 -13.39 -3.23
CA PHE F 67 -0.49 -12.81 -4.01
C PHE F 67 -1.52 -12.11 -3.16
N SER F 68 -1.06 -11.35 -2.17
CA SER F 68 -1.96 -10.75 -1.18
C SER F 68 -2.98 -9.83 -1.83
N GLY F 69 -3.86 -9.26 -1.01
CA GLY F 69 -4.82 -8.27 -1.49
C GLY F 69 -5.82 -7.91 -0.42
N SER F 70 -5.69 -6.70 0.12
CA SER F 70 -6.62 -6.15 1.11
C SER F 70 -7.58 -5.14 0.47
N GLY F 71 -8.48 -4.56 1.27
CA GLY F 71 -9.34 -3.45 0.80
C GLY F 71 -10.54 -3.18 1.70
N SER F 72 -11.48 -2.33 1.27
CA SER F 72 -12.78 -2.22 1.95
C SER F 72 -13.85 -1.38 1.28
N GLY F 73 -15.02 -1.97 1.08
CA GLY F 73 -16.21 -1.24 0.68
C GLY F 73 -16.31 -1.01 -0.80
N THR F 74 -15.37 -0.21 -1.31
CA THR F 74 -15.28 0.07 -2.75
C THR F 74 -13.83 -0.05 -3.25
N ASP F 75 -12.90 0.48 -2.48
CA ASP F 75 -11.50 0.29 -2.80
C ASP F 75 -11.04 -1.05 -2.27
N PHE F 76 -10.09 -1.63 -3.00
CA PHE F 76 -9.59 -2.99 -2.88
C PHE F 76 -8.33 -3.00 -3.71
N THR F 77 -7.32 -3.75 -3.29
CA THR F 77 -6.10 -3.83 -4.06
C THR F 77 -5.59 -5.26 -4.22
N LEU F 78 -4.79 -5.51 -5.25
CA LEU F 78 -4.07 -6.77 -5.41
C LEU F 78 -2.61 -6.44 -5.39
N LYS F 79 -1.78 -7.39 -4.97
CA LYS F 79 -0.34 -7.19 -4.98
C LYS F 79 0.29 -8.50 -5.35
N ILE F 80 1.27 -8.43 -6.26
CA ILE F 80 2.29 -9.45 -6.40
C ILE F 80 3.62 -8.74 -6.07
N SER F 81 4.35 -9.27 -5.09
CA SER F 81 5.62 -8.70 -4.64
C SER F 81 6.76 -9.41 -5.34
N ARG F 82 6.40 -10.24 -6.32
CA ARG F 82 7.35 -11.00 -7.07
C ARG F 82 6.56 -11.41 -8.28
N VAL F 83 6.62 -10.58 -9.32
CA VAL F 83 6.11 -10.97 -10.61
C VAL F 83 6.98 -12.11 -11.15
N GLU F 84 6.31 -13.19 -11.54
CA GLU F 84 6.89 -14.34 -12.25
C GLU F 84 5.97 -14.64 -13.42
N ALA F 85 6.26 -15.70 -14.16
CA ALA F 85 5.57 -16.03 -15.40
C ALA F 85 4.20 -16.66 -15.14
N GLU F 86 4.10 -17.42 -14.05
CA GLU F 86 2.82 -17.96 -13.63
C GLU F 86 1.88 -16.85 -13.17
N ASP F 87 2.36 -15.62 -13.22
CA ASP F 87 1.61 -14.46 -12.78
C ASP F 87 1.13 -13.56 -13.92
N LEU F 88 1.89 -13.52 -15.02
CA LEU F 88 1.57 -12.66 -16.15
C LEU F 88 0.32 -13.22 -16.83
N GLY F 89 -0.67 -12.37 -17.00
CA GLY F 89 -1.93 -12.76 -17.62
C GLY F 89 -2.88 -11.60 -17.45
N VAL F 90 -4.16 -11.84 -17.74
CA VAL F 90 -5.19 -10.83 -17.49
C VAL F 90 -5.78 -10.97 -16.07
N TYR F 91 -5.94 -9.84 -15.39
CA TYR F 91 -6.50 -9.82 -14.05
C TYR F 91 -7.83 -9.09 -14.05
N TYR F 92 -8.87 -9.79 -13.61
CA TYR F 92 -10.22 -9.25 -13.54
C TYR F 92 -10.68 -9.23 -12.10
N CYS F 93 -11.14 -8.08 -11.62
CA CYS F 93 -11.84 -8.03 -10.34
C CYS F 93 -13.30 -8.27 -10.67
N PHE F 94 -14.15 -8.38 -9.64
CA PHE F 94 -15.48 -8.95 -9.80
C PHE F 94 -16.26 -8.65 -8.54
N GLN F 95 -17.59 -8.79 -8.59
CA GLN F 95 -18.44 -8.54 -7.43
C GLN F 95 -19.46 -9.67 -7.33
N GLY F 96 -20.19 -9.73 -6.21
CA GLY F 96 -21.13 -10.85 -6.03
C GLY F 96 -22.31 -10.64 -5.08
N SER F 97 -22.70 -9.39 -4.85
CA SER F 97 -23.73 -9.09 -3.87
C SER F 97 -25.05 -8.69 -4.50
N ARG F 98 -24.99 -8.19 -5.75
CA ARG F 98 -26.17 -7.68 -6.48
C ARG F 98 -26.16 -8.29 -7.88
N VAL F 99 -27.34 -8.60 -8.42
CA VAL F 99 -27.45 -9.01 -9.81
C VAL F 99 -27.41 -7.77 -10.73
N PRO F 100 -26.57 -7.79 -11.78
CA PRO F 100 -25.73 -8.88 -12.27
C PRO F 100 -24.37 -8.89 -11.57
N LEU F 101 -23.57 -9.91 -11.85
CA LEU F 101 -22.30 -10.09 -11.17
C LEU F 101 -21.25 -9.75 -12.19
N THR F 102 -20.67 -8.58 -12.03
CA THR F 102 -19.92 -7.92 -13.09
C THR F 102 -18.45 -7.93 -12.78
N PHE F 103 -17.64 -8.32 -13.76
CA PHE F 103 -16.19 -8.28 -13.65
C PHE F 103 -15.73 -6.87 -14.03
N GLY F 104 -14.55 -6.48 -13.55
CA GLY F 104 -13.89 -5.27 -14.05
C GLY F 104 -13.78 -5.38 -15.55
N ALA F 105 -12.77 -4.74 -16.13
CA ALA F 105 -12.57 -4.78 -17.59
C ALA F 105 -11.32 -5.54 -17.98
N GLY F 106 -10.36 -5.59 -17.05
CA GLY F 106 -9.20 -6.48 -17.18
C GLY F 106 -7.86 -5.82 -17.41
N THR F 107 -6.98 -5.95 -16.42
CA THR F 107 -5.61 -5.46 -16.47
C THR F 107 -4.70 -6.58 -16.94
N LYS F 108 -3.83 -6.27 -17.90
CA LYS F 108 -3.00 -7.24 -18.57
C LYS F 108 -1.57 -7.11 -18.04
N LEU F 109 -1.32 -7.66 -16.85
CA LEU F 109 0.03 -7.63 -16.31
C LEU F 109 0.85 -8.37 -17.33
N GLU F 110 2.09 -7.98 -17.53
CA GLU F 110 2.86 -8.53 -18.63
C GLU F 110 4.33 -8.18 -18.56
N LEU F 111 5.12 -8.87 -19.40
CA LEU F 111 6.56 -8.68 -19.51
C LEU F 111 6.94 -7.30 -20.03
N LYS F 112 7.91 -6.69 -19.39
CA LYS F 112 8.43 -5.38 -19.76
C LYS F 112 9.66 -5.66 -20.55
N ARG F 113 9.96 -4.76 -21.49
CA ARG F 113 11.20 -4.79 -22.25
C ARG F 113 11.61 -3.37 -22.50
N ALA F 114 12.86 -3.19 -22.89
CA ALA F 114 13.38 -1.89 -23.30
C ALA F 114 12.85 -1.57 -24.68
N ASP F 115 12.93 -0.29 -25.04
CA ASP F 115 12.29 0.24 -26.25
C ASP F 115 12.86 -0.24 -27.61
N ALA F 116 11.97 -0.55 -28.54
CA ALA F 116 12.34 -1.03 -29.87
C ALA F 116 11.65 -0.26 -31.02
N ALA F 117 12.29 -0.26 -32.20
CA ALA F 117 11.70 0.30 -33.41
C ALA F 117 11.24 -0.78 -34.40
N PRO F 118 10.04 -0.61 -34.99
CA PRO F 118 9.45 -1.65 -35.84
C PRO F 118 10.27 -1.97 -37.11
N THR F 119 10.19 -3.22 -37.55
CA THR F 119 10.76 -3.66 -38.81
C THR F 119 9.60 -3.89 -39.78
N VAL F 120 9.30 -2.83 -40.55
CA VAL F 120 8.13 -2.80 -41.42
C VAL F 120 8.48 -3.27 -42.83
N SER F 121 7.78 -4.32 -43.27
CA SER F 121 7.92 -4.84 -44.63
C SER F 121 6.57 -4.73 -45.37
N ILE F 122 6.60 -4.13 -46.57
CA ILE F 122 5.42 -3.99 -47.46
C ILE F 122 5.33 -5.12 -48.50
N PHE F 123 4.11 -5.51 -48.87
CA PHE F 123 3.90 -6.67 -49.75
C PHE F 123 2.76 -6.50 -50.77
N PRO F 124 3.02 -5.82 -51.91
CA PRO F 124 2.05 -5.58 -52.99
C PRO F 124 1.32 -6.84 -53.52
N PRO F 125 0.07 -6.67 -53.97
CA PRO F 125 -0.87 -7.70 -54.41
C PRO F 125 -0.27 -8.90 -55.17
N SER F 126 -0.42 -10.09 -54.58
CA SER F 126 0.08 -11.33 -55.15
C SER F 126 -0.59 -11.65 -56.49
N SER F 127 0.03 -12.57 -57.23
CA SER F 127 -0.49 -12.99 -58.53
C SER F 127 -1.93 -13.49 -58.34
N GLU F 128 -2.11 -14.52 -57.50
CA GLU F 128 -3.39 -15.19 -57.34
C GLU F 128 -4.49 -14.33 -56.70
N GLN F 129 -4.21 -13.03 -56.55
CA GLN F 129 -5.21 -12.09 -56.06
C GLN F 129 -5.67 -11.12 -57.16
N LEU F 130 -4.73 -10.62 -57.97
CA LEU F 130 -5.04 -9.86 -59.20
C LEU F 130 -5.60 -10.81 -60.27
N THR F 131 -6.77 -11.39 -59.95
CA THR F 131 -7.25 -12.63 -60.53
C THR F 131 -8.58 -13.02 -59.86
N SER F 132 -8.57 -13.01 -58.52
CA SER F 132 -9.77 -13.19 -57.72
C SER F 132 -10.67 -12.01 -57.98
N GLY F 133 -10.03 -10.92 -58.42
CA GLY F 133 -10.66 -9.63 -58.61
C GLY F 133 -10.39 -8.79 -57.39
N GLY F 134 -9.18 -8.91 -56.85
CA GLY F 134 -8.81 -8.24 -55.60
C GLY F 134 -7.34 -7.92 -55.45
N ALA F 135 -7.06 -6.75 -54.89
CA ALA F 135 -5.71 -6.31 -54.61
C ALA F 135 -5.63 -5.89 -53.14
N SER F 136 -4.79 -6.58 -52.39
CA SER F 136 -4.52 -6.24 -51.00
C SER F 136 -3.04 -6.01 -50.86
N VAL F 137 -2.68 -4.94 -50.17
CA VAL F 137 -1.29 -4.64 -49.80
C VAL F 137 -1.17 -4.76 -48.29
N VAL F 138 0.01 -5.12 -47.83
CA VAL F 138 0.24 -5.40 -46.42
C VAL F 138 1.61 -4.93 -45.95
N CYS F 139 1.65 -3.81 -45.22
CA CYS F 139 2.77 -3.55 -44.32
C CYS F 139 2.74 -4.56 -43.15
N PHE F 140 3.91 -5.13 -42.84
CA PHE F 140 4.14 -5.96 -41.64
C PHE F 140 5.19 -5.27 -40.78
N LEU F 141 4.75 -4.52 -39.77
CA LEU F 141 5.67 -3.76 -38.89
C LEU F 141 6.08 -4.61 -37.68
N ASN F 142 7.22 -5.27 -37.75
CA ASN F 142 7.57 -6.27 -36.72
C ASN F 142 8.60 -5.81 -35.68
N ASN F 143 8.23 -6.00 -34.40
CA ASN F 143 9.16 -6.01 -33.23
C ASN F 143 9.50 -4.71 -32.51
N PHE F 144 8.49 -4.10 -31.92
CA PHE F 144 8.62 -2.77 -31.29
C PHE F 144 8.17 -2.76 -29.83
N TYR F 145 8.52 -1.69 -29.12
CA TYR F 145 7.96 -1.41 -27.80
C TYR F 145 8.00 0.08 -27.57
N PRO F 146 6.89 0.65 -27.04
CA PRO F 146 5.60 0.01 -26.73
C PRO F 146 4.64 -0.10 -27.92
N LYS F 147 3.33 -0.15 -27.65
CA LYS F 147 2.32 -0.50 -28.66
C LYS F 147 1.56 0.68 -29.23
N ASP F 148 2.08 1.88 -29.04
CA ASP F 148 1.35 3.09 -29.42
C ASP F 148 1.44 3.39 -30.93
N ILE F 149 1.94 2.41 -31.69
CA ILE F 149 2.10 2.55 -33.14
C ILE F 149 0.79 2.71 -33.90
N ASN F 150 0.70 3.81 -34.65
CA ASN F 150 -0.48 4.15 -35.46
C ASN F 150 -0.24 4.02 -36.96
N VAL F 151 -1.29 3.66 -37.71
CA VAL F 151 -1.15 3.40 -39.16
C VAL F 151 -2.48 3.68 -39.91
N LYS F 152 -2.70 4.92 -40.31
CA LYS F 152 -3.91 5.27 -41.10
C LYS F 152 -3.68 5.42 -42.62
N TRP F 153 -4.54 4.75 -43.41
CA TRP F 153 -4.39 4.70 -44.87
C TRP F 153 -5.12 5.85 -45.62
N LYS F 154 -4.51 7.04 -45.59
CA LYS F 154 -5.14 8.23 -46.13
C LYS F 154 -5.16 8.20 -47.66
N ILE F 155 -6.10 7.46 -48.22
CA ILE F 155 -6.33 7.51 -49.67
C ILE F 155 -6.54 8.97 -50.09
N ASP F 156 -5.55 9.51 -50.80
CA ASP F 156 -5.44 10.94 -51.12
C ASP F 156 -6.65 11.51 -51.84
N GLY F 157 -7.38 10.66 -52.57
CA GLY F 157 -8.68 11.02 -53.14
C GLY F 157 -9.72 11.24 -52.06
N SER F 158 -9.94 10.22 -51.23
CA SER F 158 -10.88 10.28 -50.10
C SER F 158 -10.38 9.48 -48.90
N GLU F 159 -10.38 10.10 -47.72
CA GLU F 159 -9.83 9.48 -46.52
C GLU F 159 -10.67 8.26 -46.16
N ARG F 160 -10.03 7.10 -46.19
CA ARG F 160 -10.76 5.83 -46.16
C ARG F 160 -10.61 5.07 -44.83
N GLN F 161 -11.45 5.39 -43.84
CA GLN F 161 -11.73 4.47 -42.73
C GLN F 161 -12.74 3.43 -43.24
N ASN F 162 -12.51 3.06 -44.49
CA ASN F 162 -13.14 1.96 -45.17
C ASN F 162 -11.93 1.25 -45.77
N GLY F 163 -11.75 -0.04 -45.45
CA GLY F 163 -10.52 -0.73 -45.84
C GLY F 163 -9.33 -0.45 -44.93
N VAL F 164 -9.57 0.19 -43.79
CA VAL F 164 -8.58 0.22 -42.70
C VAL F 164 -8.70 -1.09 -41.88
N LEU F 165 -7.87 -2.06 -42.24
CA LEU F 165 -7.83 -3.34 -41.52
C LEU F 165 -6.50 -3.60 -40.79
N ASN F 166 -6.57 -3.77 -39.47
CA ASN F 166 -5.40 -4.10 -38.67
C ASN F 166 -5.66 -5.28 -37.72
N SER F 167 -4.58 -5.85 -37.18
CA SER F 167 -4.64 -6.93 -36.20
C SER F 167 -3.48 -6.68 -35.25
N TRP F 168 -3.29 -7.57 -34.26
CA TRP F 168 -2.19 -7.40 -33.28
C TRP F 168 -1.79 -8.70 -32.55
N THR F 169 -0.55 -9.12 -32.74
CA THR F 169 -0.01 -10.27 -32.04
C THR F 169 0.37 -9.86 -30.64
N ASP F 170 -0.40 -10.36 -29.68
CA ASP F 170 -0.05 -10.31 -28.26
C ASP F 170 1.34 -10.86 -27.99
N GLN F 171 1.97 -10.35 -26.92
CA GLN F 171 3.44 -10.35 -26.77
C GLN F 171 4.18 -11.58 -27.30
N ASP F 172 5.45 -11.41 -27.67
CA ASP F 172 6.20 -12.48 -28.28
C ASP F 172 6.88 -13.31 -27.21
N SER F 173 6.58 -14.61 -27.17
CA SER F 173 7.21 -15.51 -26.19
C SER F 173 8.62 -15.88 -26.65
N LYS F 174 9.42 -14.83 -26.90
CA LYS F 174 10.85 -14.95 -27.16
C LYS F 174 11.60 -13.61 -26.85
N ASP F 175 11.24 -12.52 -27.54
CA ASP F 175 11.89 -11.22 -27.27
C ASP F 175 10.99 -10.09 -26.74
N SER F 176 9.73 -10.42 -26.44
CA SER F 176 8.73 -9.49 -25.86
C SER F 176 8.32 -8.33 -26.78
N THR F 177 8.33 -8.62 -28.09
CA THR F 177 8.23 -7.62 -29.18
C THR F 177 6.88 -7.62 -29.92
N TYR F 178 6.11 -6.56 -29.72
CA TYR F 178 4.78 -6.42 -30.37
C TYR F 178 4.82 -6.42 -31.92
N SER F 179 3.65 -6.58 -32.53
CA SER F 179 3.53 -6.60 -33.99
C SER F 179 2.13 -6.25 -34.50
N MET F 180 2.10 -5.37 -35.49
CA MET F 180 0.84 -4.93 -36.13
C MET F 180 0.77 -5.48 -37.55
N SER F 181 -0.45 -5.81 -38.00
CA SER F 181 -0.70 -6.24 -39.37
C SER F 181 -1.67 -5.30 -40.05
N SER F 182 -1.11 -4.28 -40.69
CA SER F 182 -1.89 -3.32 -41.46
C SER F 182 -2.22 -3.91 -42.83
N THR F 183 -3.44 -3.69 -43.30
CA THR F 183 -3.87 -4.24 -44.58
C THR F 183 -4.85 -3.32 -45.31
N LEU F 184 -4.39 -2.83 -46.46
CA LEU F 184 -5.24 -2.13 -47.40
C LEU F 184 -5.66 -3.16 -48.42
N THR F 185 -6.91 -3.10 -48.84
CA THR F 185 -7.48 -4.08 -49.74
C THR F 185 -8.46 -3.38 -50.68
N LEU F 186 -8.44 -3.79 -51.96
CA LEU F 186 -9.20 -3.12 -53.01
C LEU F 186 -9.42 -4.05 -54.21
N THR F 187 -10.16 -3.55 -55.20
CA THR F 187 -10.23 -4.19 -56.52
C THR F 187 -9.05 -3.65 -57.34
N LYS F 188 -9.04 -3.92 -58.65
CA LYS F 188 -8.11 -3.23 -59.56
C LYS F 188 -8.68 -1.85 -59.93
N ASP F 189 -9.56 -1.32 -59.09
CA ASP F 189 -10.34 -0.09 -59.36
C ASP F 189 -9.71 1.19 -58.84
N GLU F 190 -9.07 1.10 -57.68
CA GLU F 190 -8.32 2.21 -57.12
C GLU F 190 -6.84 1.86 -57.22
N TYR F 191 -6.57 0.55 -57.30
CA TYR F 191 -5.22 0.01 -57.53
C TYR F 191 -4.62 0.51 -58.86
N GLU F 192 -5.29 1.50 -59.45
CA GLU F 192 -4.90 2.12 -60.71
C GLU F 192 -5.28 3.60 -60.77
N ARG F 193 -6.59 3.86 -60.70
CA ARG F 193 -7.14 5.20 -60.91
C ARG F 193 -6.63 6.30 -59.96
N HIS F 194 -6.32 5.92 -58.72
CA HIS F 194 -5.81 6.90 -57.76
C HIS F 194 -4.34 6.63 -57.44
N ASN F 195 -3.64 7.68 -57.00
CA ASN F 195 -2.24 7.58 -56.59
C ASN F 195 -1.87 8.35 -55.31
N SER F 196 -0.73 7.96 -54.74
CA SER F 196 -0.08 8.60 -53.59
C SER F 196 -0.70 8.32 -52.21
N TYR F 197 -1.28 7.11 -52.06
CA TYR F 197 -1.72 6.52 -50.78
C TYR F 197 -0.58 6.60 -49.76
N THR F 198 -0.72 5.99 -48.58
CA THR F 198 0.38 6.09 -47.58
C THR F 198 0.34 5.21 -46.31
N CYS F 199 1.16 4.16 -46.27
CA CYS F 199 1.33 3.31 -45.05
C CYS F 199 2.00 4.07 -43.91
N GLU F 200 1.17 4.66 -43.05
CA GLU F 200 1.66 5.63 -42.05
C GLU F 200 2.32 5.00 -40.82
N ALA F 201 3.35 5.67 -40.31
CA ALA F 201 4.13 5.21 -39.15
C ALA F 201 3.61 5.83 -37.87
N THR F 202 4.50 5.85 -36.86
CA THR F 202 4.36 6.53 -35.54
C THR F 202 4.95 5.62 -34.45
N HIS F 203 5.92 6.15 -33.69
CA HIS F 203 6.46 5.42 -32.52
C HIS F 203 7.24 6.31 -31.55
N LYS F 204 7.55 5.76 -30.36
CA LYS F 204 8.46 6.41 -29.42
C LYS F 204 9.87 5.78 -29.41
N THR F 205 10.39 5.53 -30.60
CA THR F 205 11.82 5.40 -30.79
C THR F 205 12.26 6.67 -31.50
N SER F 206 11.40 7.12 -32.41
CA SER F 206 11.63 8.33 -33.18
C SER F 206 10.31 8.87 -33.69
N THR F 207 9.84 9.95 -33.06
CA THR F 207 8.70 10.71 -33.55
C THR F 207 9.07 11.32 -34.93
N SER F 208 9.37 10.41 -35.86
CA SER F 208 9.84 10.73 -37.21
C SER F 208 9.24 9.73 -38.21
N PRO F 209 8.58 10.25 -39.26
CA PRO F 209 7.84 9.51 -40.27
C PRO F 209 8.53 8.26 -40.86
N ILE F 210 7.72 7.27 -41.22
CA ILE F 210 8.16 6.12 -42.00
C ILE F 210 7.45 6.22 -43.36
N VAL F 211 6.32 6.93 -43.34
CA VAL F 211 5.27 6.90 -44.38
C VAL F 211 5.74 6.36 -45.73
N LYS F 212 5.15 5.24 -46.13
CA LYS F 212 5.43 4.57 -47.40
C LYS F 212 4.64 5.19 -48.55
N SER F 213 4.14 4.35 -49.46
CA SER F 213 3.32 4.83 -50.58
C SER F 213 2.83 3.73 -51.51
N PHE F 214 2.23 4.17 -52.61
CA PHE F 214 1.87 3.35 -53.74
C PHE F 214 2.84 3.64 -54.87
N ASN F 215 3.43 2.57 -55.43
CA ASN F 215 4.47 2.68 -56.46
C ASN F 215 3.94 2.53 -57.88
N ARG F 216 2.65 2.85 -58.09
CA ARG F 216 2.07 2.76 -59.43
C ARG F 216 2.90 3.65 -60.35
N ASN F 217 3.31 3.08 -61.49
CA ASN F 217 4.29 3.68 -62.40
C ASN F 217 5.72 3.21 -62.06
N GLU F 218 6.21 2.27 -62.86
CA GLU F 218 7.43 1.53 -62.59
C GLU F 218 8.05 1.00 -63.89
#